data_7JTF
#
_entry.id   7JTF
#
_cell.length_a   89.732
_cell.length_b   64.887
_cell.length_c   145.208
_cell.angle_alpha   90.000
_cell.angle_beta   105.155
_cell.angle_gamma   90.000
#
_symmetry.space_group_name_H-M   'P 1 21 1'
#
loop_
_entity.id
_entity.type
_entity.pdbx_description
1 polymer 'RM2-01 Fab heavy chain'
2 polymer 'RM2-01 Fab light chain'
3 polymer 'Envelope glycoprotein E2'
#
loop_
_entity_poly.entity_id
_entity_poly.type
_entity_poly.pdbx_seq_one_letter_code
_entity_poly.pdbx_strand_id
1 'polypeptide(L)'
;QVQLVQSGAEVKKPGASVKLSCKASGFTFRIYAISWVRQAPGQGLEWMGEIVPLGGITNYAQNFQGRAAITADTSINTAY
MELSSLRSDDTAVYYCARVRTALVGPREGIFDFWGQGVLVTVSSASTKGPSVFPLAPSSKSTSGGTAALGCLVKDYFPEP
VTVSWNSGALTSGVHTFPAVLQSSGLYSLSSVVTVPSSSLGTQTYICNVNHKPSNTKVDKKVEPKSCGS
;
A,C
2 'polypeptide(L)'
;DIQMTQSPSSLSASVGDRVSITCRASQTISTYLAWYQQKPGKVPKLLIYTASTLETGVPSRFSGSGSGTEFTLTISSLQP
EDFATYYCQQHDSHPYSFGQGTKVEIKRTVAAPSVFIFPPSDEQLKSGTASVVCLLNNFYPREAKVQWKVDNALQSGNSQ
ESVTEQDSKDSTYSLSSTLTLSKADYEKHKVYACEVTHQGLSSPVTKSFNRGEC
;
B,D
3 'polypeptide(L)'
;QLINTNGSWHINRTALNCNDSLQTGFITSLFYAKNVDSSGCPERMAACGSSGCWHYAPRPCDVVSARTVCGPVYCFTPSP
VVVGTTDKLGIPTYNWGENETDVFMLESLRPPTGGWFGCTWMNSTGFTKTCGAPPGGPTDGGSGPWITPRCLVDYPYRLW
HYPCTVNFTLHKVRMFVGGIEHRFDAACN
;
E,F
#
# COMPACT_ATOMS: atom_id res chain seq x y z
N LEU A 4 -22.86 32.70 12.85
CA LEU A 4 -22.34 32.65 11.49
C LEU A 4 -23.36 31.98 10.56
N VAL A 5 -23.98 32.78 9.70
CA VAL A 5 -25.00 32.30 8.77
C VAL A 5 -24.80 32.99 7.42
N GLN A 6 -24.89 32.20 6.35
CA GLN A 6 -24.68 32.72 5.01
C GLN A 6 -26.00 33.26 4.44
N SER A 7 -25.99 33.64 3.17
CA SER A 7 -27.18 34.14 2.50
C SER A 7 -27.93 32.99 1.83
N GLY A 8 -29.01 33.32 1.13
CA GLY A 8 -29.83 32.31 0.50
C GLY A 8 -29.28 31.82 -0.82
N ALA A 9 -29.80 30.68 -1.26
CA ALA A 9 -29.37 30.09 -2.53
C ALA A 9 -29.83 30.94 -3.70
N GLU A 10 -28.93 31.17 -4.65
CA GLU A 10 -29.21 31.99 -5.81
C GLU A 10 -28.88 31.23 -7.08
N VAL A 11 -29.65 31.52 -8.14
CA VAL A 11 -29.45 30.93 -9.46
C VAL A 11 -29.43 32.07 -10.46
N LYS A 12 -28.34 32.15 -11.24
CA LYS A 12 -28.16 33.25 -12.19
C LYS A 12 -27.62 32.70 -13.50
N LYS A 13 -27.90 33.44 -14.57
CA LYS A 13 -27.45 33.08 -15.91
C LYS A 13 -25.97 33.43 -16.08
N PRO A 14 -25.28 32.78 -17.02
CA PRO A 14 -23.84 33.03 -17.18
C PRO A 14 -23.55 34.48 -17.51
N GLY A 15 -22.28 34.86 -17.35
CA GLY A 15 -21.85 36.21 -17.62
C GLY A 15 -22.43 37.25 -16.69
N ALA A 16 -22.79 36.88 -15.47
CA ALA A 16 -23.35 37.83 -14.51
C ALA A 16 -22.55 37.84 -13.21
N SER A 17 -23.08 38.51 -12.18
CA SER A 17 -22.41 38.61 -10.90
C SER A 17 -23.33 38.12 -9.79
N VAL A 18 -22.74 37.47 -8.80
CA VAL A 18 -23.47 36.95 -7.66
C VAL A 18 -22.89 37.56 -6.38
N LYS A 19 -23.75 38.06 -5.52
CA LYS A 19 -23.36 38.63 -4.23
C LYS A 19 -23.74 37.64 -3.13
N LEU A 20 -22.73 37.14 -2.42
CA LEU A 20 -22.93 36.19 -1.34
C LEU A 20 -22.55 36.83 -0.01
N SER A 21 -23.44 36.69 0.98
CA SER A 21 -23.26 37.28 2.29
C SER A 21 -22.91 36.20 3.31
N CYS A 22 -22.56 36.66 4.51
CA CYS A 22 -22.26 35.79 5.64
C CYS A 22 -22.48 36.61 6.91
N LYS A 23 -22.30 35.96 8.05
CA LYS A 23 -22.45 36.65 9.33
C LYS A 23 -21.48 36.04 10.33
N ALA A 24 -21.44 36.63 11.53
CA ALA A 24 -20.51 36.19 12.55
C ALA A 24 -21.12 36.39 13.92
N SER A 25 -21.03 35.36 14.77
CA SER A 25 -21.56 35.44 16.12
C SER A 25 -20.82 34.41 16.98
N GLY A 26 -20.42 34.83 18.18
CA GLY A 26 -19.71 33.96 19.09
C GLY A 26 -18.21 34.03 19.02
N PHE A 27 -17.65 35.02 18.32
CA PHE A 27 -16.20 35.17 18.21
C PHE A 27 -15.90 36.58 17.73
N THR A 28 -14.61 36.93 17.78
CA THR A 28 -14.14 38.25 17.37
C THR A 28 -13.91 38.26 15.86
N PHE A 29 -14.40 39.32 15.20
CA PHE A 29 -14.34 39.36 13.74
C PHE A 29 -12.97 39.81 13.23
N ARG A 30 -12.27 40.68 13.97
CA ARG A 30 -10.99 41.18 13.48
C ARG A 30 -9.93 40.09 13.49
N ILE A 31 -9.91 39.27 14.54
CA ILE A 31 -8.82 38.31 14.71
C ILE A 31 -8.91 37.21 13.66
N TYR A 32 -10.01 36.45 13.66
CA TYR A 32 -10.18 35.36 12.72
C TYR A 32 -10.48 35.89 11.33
N ALA A 33 -9.85 35.30 10.33
CA ALA A 33 -10.16 35.61 8.94
C ALA A 33 -11.35 34.79 8.47
N ILE A 34 -12.07 35.31 7.49
CA ILE A 34 -13.28 34.67 6.97
C ILE A 34 -13.00 34.24 5.54
N SER A 35 -13.08 32.93 5.30
CA SER A 35 -12.74 32.34 4.01
C SER A 35 -13.99 31.83 3.30
N TRP A 36 -13.80 31.43 2.05
CA TRP A 36 -14.87 30.89 1.23
C TRP A 36 -14.35 29.65 0.49
N VAL A 37 -15.17 28.60 0.45
CA VAL A 37 -14.77 27.31 -0.09
C VAL A 37 -15.82 26.88 -1.11
N ARG A 38 -15.35 26.40 -2.27
CA ARG A 38 -16.20 25.93 -3.35
C ARG A 38 -16.13 24.41 -3.44
N GLN A 39 -17.27 23.79 -3.74
CA GLN A 39 -17.32 22.34 -3.94
C GLN A 39 -18.28 22.04 -5.09
N ALA A 40 -17.72 21.60 -6.21
CA ALA A 40 -18.54 21.21 -7.35
C ALA A 40 -19.32 19.93 -7.04
N PRO A 41 -20.48 19.75 -7.66
CA PRO A 41 -21.26 18.52 -7.41
C PRO A 41 -20.49 17.28 -7.85
N GLY A 42 -20.23 16.40 -6.89
CA GLY A 42 -19.52 15.17 -7.15
C GLY A 42 -18.02 15.30 -7.27
N GLN A 43 -17.43 16.42 -6.86
CA GLN A 43 -16.00 16.64 -6.95
C GLN A 43 -15.48 17.09 -5.59
N GLY A 44 -14.19 17.40 -5.54
CA GLY A 44 -13.53 17.77 -4.31
C GLY A 44 -13.83 19.20 -3.89
N LEU A 45 -13.06 19.64 -2.89
CA LEU A 45 -13.22 20.98 -2.33
C LEU A 45 -12.26 21.95 -3.00
N GLU A 46 -12.79 23.08 -3.45
CA GLU A 46 -11.97 24.13 -4.06
C GLU A 46 -11.68 25.21 -3.03
N TRP A 47 -10.49 25.80 -3.15
CA TRP A 47 -10.01 26.77 -2.17
C TRP A 47 -10.11 28.20 -2.71
N MET A 48 -11.32 28.65 -3.04
CA MET A 48 -11.49 29.97 -3.60
C MET A 48 -11.37 31.07 -2.55
N GLU A 50 -9.81 34.28 -1.13
CA GLU A 50 -9.92 33.33 -0.02
C GLU A 50 -10.47 33.98 1.24
N ILE A 51 -9.56 34.62 1.98
CA ILE A 51 -9.78 35.00 3.36
C ILE A 51 -9.70 36.51 3.51
N VAL A 52 -10.33 37.02 4.57
CA VAL A 52 -10.33 38.45 4.85
C VAL A 52 -10.76 38.72 6.29
N PRO A 53 -9.87 39.17 7.16
CA PRO A 53 -10.28 39.80 8.41
C PRO A 53 -10.53 41.29 8.19
N LEU A 54 -11.27 41.89 9.12
CA LEU A 54 -11.60 43.29 8.96
C LEU A 54 -10.38 44.20 9.12
N GLY A 55 -9.22 43.65 9.48
CA GLY A 55 -7.99 44.43 9.45
C GLY A 55 -7.59 44.89 8.06
N GLY A 56 -8.20 44.34 7.02
CA GLY A 56 -7.96 44.78 5.66
C GLY A 56 -7.06 43.88 4.83
N ILE A 57 -6.88 42.63 5.22
CA ILE A 57 -5.96 41.72 4.54
C ILE A 57 -6.78 40.78 3.66
N THR A 58 -6.41 40.72 2.38
CA THR A 58 -7.08 39.84 1.43
C THR A 58 -6.05 39.13 0.57
N ASN A 59 -6.25 37.83 0.37
CA ASN A 59 -5.36 37.00 -0.46
C ASN A 59 -6.23 36.00 -1.20
N TYR A 60 -6.50 36.28 -2.47
CA TYR A 60 -7.34 35.41 -3.28
C TYR A 60 -6.51 34.26 -3.86
N ALA A 61 -7.21 33.27 -4.42
CA ALA A 61 -6.55 32.18 -5.12
C ALA A 61 -6.17 32.62 -6.53
N GLN A 62 -5.27 31.86 -7.16
CA GLN A 62 -4.74 32.24 -8.47
C GLN A 62 -5.85 32.30 -9.51
N ASN A 63 -6.71 31.28 -9.55
CA ASN A 63 -7.75 31.22 -10.57
C ASN A 63 -8.81 32.30 -10.36
N PHE A 64 -9.22 32.51 -9.11
CA PHE A 64 -10.31 33.42 -8.80
C PHE A 64 -9.85 34.84 -8.52
N GLN A 65 -8.55 35.11 -8.60
CA GLN A 65 -8.04 36.45 -8.28
C GLN A 65 -8.57 37.50 -9.23
N GLY A 66 -9.00 37.12 -10.43
CA GLY A 66 -9.46 38.11 -11.39
C GLY A 66 -10.83 38.64 -11.06
N ARG A 67 -11.80 37.75 -10.83
CA ARG A 67 -13.20 38.14 -10.72
C ARG A 67 -13.78 38.06 -9.33
N ALA A 68 -13.17 37.30 -8.42
CA ALA A 68 -13.67 37.20 -7.05
C ALA A 68 -13.18 38.37 -6.22
N ALA A 69 -14.09 39.03 -5.51
CA ALA A 69 -13.76 40.16 -4.63
C ALA A 69 -14.47 39.95 -3.30
N ILE A 70 -13.69 39.74 -2.25
CA ILE A 70 -14.20 39.50 -0.90
C ILE A 70 -13.91 40.74 -0.07
N THR A 71 -14.97 41.36 0.46
CA THR A 71 -14.87 42.55 1.28
C THR A 71 -15.37 42.25 2.68
N ALA A 72 -14.69 42.79 3.68
CA ALA A 72 -15.10 42.59 5.07
C ALA A 72 -16.26 43.51 5.45
N ASP A 73 -15.96 44.80 5.59
CA ASP A 73 -16.96 45.81 5.99
C ASP A 73 -17.67 45.36 7.26
N THR A 74 -17.00 45.51 8.41
CA THR A 74 -17.48 44.96 9.67
C THR A 74 -18.61 45.79 10.27
N SER A 75 -19.60 46.16 9.45
CA SER A 75 -20.77 46.86 9.97
C SER A 75 -21.55 45.97 10.92
N ILE A 76 -21.98 44.81 10.44
CA ILE A 76 -22.62 43.81 11.27
C ILE A 76 -21.93 42.48 11.05
N ASN A 77 -20.64 42.53 10.74
CA ASN A 77 -19.81 41.35 10.50
C ASN A 77 -20.38 40.51 9.36
N THR A 78 -20.38 41.10 8.17
CA THR A 78 -20.97 40.47 6.99
C THR A 78 -19.96 39.63 6.21
N ALA A 79 -18.81 40.22 5.86
CA ALA A 79 -17.82 39.59 4.99
C ALA A 79 -18.46 39.15 3.68
N TYR A 80 -18.75 40.14 2.84
CA TYR A 80 -19.47 39.91 1.59
C TYR A 80 -18.60 39.13 0.61
N MET A 81 -19.23 38.73 -0.50
CA MET A 81 -18.56 37.93 -1.51
C MET A 81 -19.26 38.18 -2.85
N GLU A 82 -18.54 38.78 -3.80
CA GLU A 82 -19.07 39.09 -5.12
C GLU A 82 -18.21 38.41 -6.18
N LEU A 83 -18.85 37.61 -7.03
CA LEU A 83 -18.17 36.87 -8.08
C LEU A 83 -18.80 37.26 -9.41
N SER A 84 -18.09 38.07 -10.19
CA SER A 84 -18.60 38.54 -11.48
C SER A 84 -18.13 37.63 -12.61
N SER A 85 -18.78 37.76 -13.76
CA SER A 85 -18.49 37.00 -14.96
C SER A 85 -18.55 35.49 -14.69
N LEU A 86 -19.78 35.03 -14.45
CA LEU A 86 -20.02 33.65 -14.10
C LEU A 86 -19.92 32.75 -15.33
N ARG A 87 -19.81 31.44 -15.08
CA ARG A 87 -19.68 30.46 -16.14
C ARG A 87 -20.30 29.15 -15.67
N SER A 88 -20.45 28.22 -16.62
CA SER A 88 -21.19 26.99 -16.34
C SER A 88 -20.49 26.15 -15.29
N ASP A 89 -19.16 26.15 -15.27
CA ASP A 89 -18.42 25.35 -14.31
C ASP A 89 -18.40 25.96 -12.91
N ASP A 90 -18.88 27.21 -12.76
CA ASP A 90 -18.97 27.83 -11.44
C ASP A 90 -20.16 27.33 -10.64
N THR A 91 -20.98 26.44 -11.20
CA THR A 91 -22.11 25.85 -10.49
C THR A 91 -21.57 24.96 -9.38
N ALA A 92 -21.64 25.45 -8.14
CA ALA A 92 -21.11 24.72 -7.00
C ALA A 92 -21.66 25.34 -5.72
N VAL A 93 -21.60 24.57 -4.64
CA VAL A 93 -22.01 25.05 -3.33
C VAL A 93 -20.84 25.82 -2.71
N TYR A 94 -21.15 26.96 -2.10
CA TYR A 94 -20.15 27.85 -1.53
C TYR A 94 -20.32 27.92 -0.02
N TYR A 95 -19.20 27.87 0.70
CA TYR A 95 -19.21 27.87 2.16
C TYR A 95 -18.54 29.13 2.69
N CYS A 96 -18.88 29.48 3.93
CA CYS A 96 -18.29 30.61 4.64
C CYS A 96 -17.72 30.07 5.95
N ALA A 97 -16.41 29.79 5.96
CA ALA A 97 -15.76 29.13 7.09
C ALA A 97 -14.81 30.07 7.80
N ARG A 98 -14.57 29.77 9.07
CA ARG A 98 -13.59 30.50 9.89
C ARG A 98 -12.21 29.87 9.71
N VAL A 99 -11.28 30.62 9.15
CA VAL A 99 -9.88 30.20 9.06
C VAL A 99 -9.11 30.90 10.16
N ARG A 100 -8.27 30.15 10.88
CA ARG A 100 -7.54 30.70 12.01
C ARG A 100 -6.47 31.68 11.54
N THR A 101 -5.77 32.25 12.51
CA THR A 101 -4.72 33.22 12.26
C THR A 101 -3.55 32.94 13.20
N ALA A 102 -2.36 33.39 12.81
CA ALA A 102 -1.21 33.18 13.68
C ALA A 102 -1.27 33.99 14.97
N LEU A 103 -2.30 34.82 15.14
CA LEU A 103 -2.45 35.56 16.39
C LEU A 103 -2.97 34.66 17.50
N VAL A 104 -4.20 34.15 17.36
CA VAL A 104 -4.83 33.38 18.41
C VAL A 104 -4.73 31.89 18.10
N GLY A 105 -4.64 31.55 16.82
CA GLY A 105 -4.58 30.17 16.40
C GLY A 105 -3.22 29.55 16.64
N PRO A 106 -3.18 28.23 16.80
CA PRO A 106 -1.89 27.57 17.02
C PRO A 106 -1.00 27.58 15.79
N ARG A 107 -1.58 27.62 14.59
CA ARG A 107 -0.80 27.64 13.36
C ARG A 107 -1.19 28.85 12.51
N GLU A 108 -0.89 28.78 11.21
CA GLU A 108 -1.15 29.93 10.34
C GLU A 108 -2.65 30.14 10.12
N GLY A 109 -3.35 29.10 9.69
CA GLY A 109 -4.77 29.24 9.43
C GLY A 109 -5.48 27.93 9.15
N ILE A 110 -6.39 27.52 10.05
CA ILE A 110 -7.12 26.27 9.93
C ILE A 110 -8.60 26.57 9.93
N PHE A 111 -9.36 25.84 9.11
CA PHE A 111 -10.81 25.99 9.05
C PHE A 111 -11.44 25.19 10.19
N ASP A 112 -11.53 25.81 11.36
CA ASP A 112 -12.07 25.12 12.53
C ASP A 112 -13.59 25.03 12.49
N PHE A 113 -14.26 26.02 11.91
CA PHE A 113 -15.72 26.01 11.79
C PHE A 113 -16.11 26.45 10.40
N TRP A 114 -17.17 25.85 9.87
CA TRP A 114 -17.62 26.08 8.51
C TRP A 114 -19.06 26.61 8.52
N GLY A 115 -19.48 27.10 7.34
CA GLY A 115 -20.81 27.64 7.19
C GLY A 115 -21.82 26.61 6.71
N GLN A 116 -23.09 27.04 6.66
CA GLN A 116 -24.16 26.13 6.27
C GLN A 116 -24.00 25.68 4.82
N GLY A 117 -23.52 26.57 3.95
CA GLY A 117 -23.36 26.23 2.56
C GLY A 117 -24.50 26.73 1.70
N VAL A 118 -24.18 27.55 0.70
CA VAL A 118 -25.17 28.12 -0.21
C VAL A 118 -24.94 27.54 -1.60
N LEU A 119 -26.02 27.13 -2.25
CA LEU A 119 -25.96 26.58 -3.60
C LEU A 119 -26.11 27.70 -4.61
N VAL A 120 -25.21 27.71 -5.60
CA VAL A 120 -25.22 28.69 -6.68
C VAL A 120 -25.19 27.93 -7.99
N THR A 121 -26.23 28.10 -8.80
CA THR A 121 -26.36 27.41 -10.08
C THR A 121 -26.23 28.42 -11.21
N VAL A 122 -25.35 28.15 -12.16
CA VAL A 122 -25.08 29.04 -13.28
C VAL A 122 -25.46 28.29 -14.55
N SER A 123 -26.61 28.63 -15.13
CA SER A 123 -27.06 28.03 -16.38
C SER A 123 -27.93 29.04 -17.11
N SER A 124 -27.86 29.00 -18.44
CA SER A 124 -28.63 29.91 -19.27
C SER A 124 -30.10 29.51 -19.39
N ALA A 125 -30.45 28.28 -19.01
CA ALA A 125 -31.83 27.84 -19.10
C ALA A 125 -32.71 28.59 -18.11
N SER A 126 -33.99 28.70 -18.46
CA SER A 126 -34.97 29.35 -17.60
C SER A 126 -35.71 28.30 -16.77
N THR A 127 -36.58 28.77 -15.88
CA THR A 127 -37.36 27.88 -15.04
C THR A 127 -38.43 27.19 -15.87
N LYS A 128 -38.37 25.85 -15.92
CA LYS A 128 -39.32 25.05 -16.68
C LYS A 128 -39.82 23.91 -15.83
N GLY A 129 -41.13 23.67 -15.88
CA GLY A 129 -41.74 22.57 -15.17
C GLY A 129 -41.36 21.23 -15.74
N PRO A 130 -41.37 20.19 -14.91
CA PRO A 130 -40.97 18.86 -15.37
C PRO A 130 -42.05 18.20 -16.20
N SER A 131 -41.69 17.05 -16.77
CA SER A 131 -42.63 16.20 -17.50
C SER A 131 -42.36 14.77 -17.08
N VAL A 132 -43.29 14.20 -16.31
CA VAL A 132 -43.11 12.87 -15.74
C VAL A 132 -43.63 11.83 -16.72
N PHE A 133 -42.81 10.83 -17.03
CA PHE A 133 -43.19 9.72 -17.87
C PHE A 133 -43.07 8.41 -17.10
N PRO A 134 -44.00 7.47 -17.29
CA PRO A 134 -43.96 6.24 -16.52
C PRO A 134 -42.98 5.22 -17.08
N LEU A 135 -42.39 4.46 -16.17
CA LEU A 135 -41.51 3.34 -16.52
C LEU A 135 -42.27 2.05 -16.20
N ALA A 136 -43.14 1.65 -17.13
CA ALA A 136 -43.98 0.48 -16.91
C ALA A 136 -43.14 -0.79 -16.96
N PRO A 137 -43.45 -1.78 -16.10
CA PRO A 137 -42.73 -3.06 -16.10
C PRO A 137 -43.09 -3.94 -17.29
N ALA A 148 -40.28 -4.45 -10.87
CA ALA A 148 -39.69 -3.13 -10.67
C ALA A 148 -40.32 -2.10 -11.61
N LEU A 149 -40.67 -0.94 -11.07
CA LEU A 149 -41.24 0.15 -11.84
C LEU A 149 -40.77 1.47 -11.25
N GLY A 150 -41.06 2.55 -11.96
CA GLY A 150 -40.64 3.86 -11.48
C GLY A 150 -41.17 4.98 -12.34
N CYS A 151 -40.81 6.19 -11.96
CA CYS A 151 -41.18 7.40 -12.67
C CYS A 151 -39.94 8.10 -13.20
N LEU A 152 -40.05 8.69 -14.39
CA LEU A 152 -38.94 9.38 -15.03
C LEU A 152 -39.26 10.87 -15.10
N VAL A 153 -38.56 11.65 -14.29
CA VAL A 153 -38.68 13.11 -14.30
C VAL A 153 -37.69 13.65 -15.31
N LYS A 154 -38.18 14.35 -16.34
CA LYS A 154 -37.35 14.81 -17.43
C LYS A 154 -37.67 16.26 -17.75
N ASP A 155 -36.64 17.00 -18.17
CA ASP A 155 -36.76 18.37 -18.67
C ASP A 155 -37.37 19.29 -17.61
N TYR A 156 -36.59 19.50 -16.55
CA TYR A 156 -36.97 20.41 -15.48
C TYR A 156 -35.77 21.26 -15.10
N PHE A 157 -36.05 22.45 -14.57
CA PHE A 157 -35.01 23.38 -14.18
C PHE A 157 -35.63 24.44 -13.28
N PRO A 158 -34.98 24.81 -12.17
CA PRO A 158 -33.72 24.22 -11.70
C PRO A 158 -33.91 23.20 -10.58
N GLU A 159 -32.80 22.84 -9.94
CA GLU A 159 -32.84 21.97 -8.78
C GLU A 159 -33.59 22.66 -7.64
N PRO A 160 -34.23 21.89 -6.73
CA PRO A 160 -34.33 20.44 -6.69
C PRO A 160 -35.69 19.90 -7.15
N VAL A 161 -35.92 18.62 -6.89
CA VAL A 161 -37.20 17.98 -7.18
C VAL A 161 -37.39 16.85 -6.18
N THR A 162 -38.54 16.83 -5.52
CA THR A 162 -38.86 15.83 -4.52
C THR A 162 -39.84 14.80 -5.08
N VAL A 163 -39.57 13.53 -4.83
CA VAL A 163 -40.40 12.44 -5.32
C VAL A 163 -40.71 11.50 -4.16
N SER A 164 -41.99 11.17 -3.99
CA SER A 164 -42.44 10.21 -3.00
C SER A 164 -43.52 9.34 -3.63
N TRP A 165 -43.82 8.22 -2.98
CA TRP A 165 -44.77 7.24 -3.50
C TRP A 165 -45.94 7.09 -2.54
N ASN A 166 -47.15 7.16 -3.07
CA ASN A 166 -48.37 7.00 -2.29
C ASN A 166 -48.44 8.00 -1.14
N SER A 167 -48.07 9.25 -1.44
CA SER A 167 -48.01 10.32 -0.44
C SER A 167 -47.08 9.96 0.71
N GLY A 168 -46.05 9.16 0.44
CA GLY A 168 -45.10 8.76 1.45
C GLY A 168 -45.40 7.46 2.16
N ALA A 169 -46.44 6.74 1.73
CA ALA A 169 -46.82 5.49 2.38
C ALA A 169 -45.93 4.32 1.97
N LEU A 170 -45.11 4.46 0.94
CA LEU A 170 -44.21 3.42 0.47
C LEU A 170 -42.78 3.93 0.58
N THR A 171 -42.05 3.45 1.58
CA THR A 171 -40.68 3.91 1.83
C THR A 171 -39.67 2.77 1.81
N SER A 172 -40.08 1.56 1.43
CA SER A 172 -39.20 0.41 1.38
C SER A 172 -38.88 0.05 -0.06
N GLY A 173 -37.61 -0.19 -0.35
CA GLY A 173 -37.20 -0.55 -1.70
C GLY A 173 -37.24 0.58 -2.69
N VAL A 174 -37.31 1.83 -2.23
CA VAL A 174 -37.37 2.99 -3.11
C VAL A 174 -35.97 3.52 -3.32
N HIS A 175 -35.58 3.67 -4.58
CA HIS A 175 -34.26 4.20 -4.96
C HIS A 175 -34.47 5.41 -5.85
N THR A 176 -34.32 6.61 -5.27
CA THR A 176 -34.38 7.86 -6.02
C THR A 176 -32.97 8.21 -6.47
N PHE A 177 -32.75 8.16 -7.79
CA PHE A 177 -31.43 8.39 -8.32
C PHE A 177 -31.13 9.90 -8.39
N PRO A 178 -29.86 10.29 -8.23
CA PRO A 178 -29.51 11.70 -8.35
C PRO A 178 -29.79 12.24 -9.75
N ALA A 179 -29.92 13.55 -9.82
CA ALA A 179 -30.21 14.21 -11.09
C ALA A 179 -29.01 14.16 -12.02
N VAL A 180 -29.28 14.35 -13.31
CA VAL A 180 -28.25 14.35 -14.35
C VAL A 180 -28.48 15.56 -15.24
N LEU A 181 -27.42 16.33 -15.49
CA LEU A 181 -27.51 17.48 -16.37
C LEU A 181 -27.41 17.02 -17.82
N GLN A 182 -28.48 17.26 -18.58
CA GLN A 182 -28.53 16.85 -19.98
C GLN A 182 -27.76 17.83 -20.85
N SER A 183 -27.67 17.52 -22.15
CA SER A 183 -26.98 18.39 -23.08
C SER A 183 -27.73 19.69 -23.32
N SER A 184 -29.05 19.67 -23.17
CA SER A 184 -29.89 20.83 -23.41
C SER A 184 -29.94 21.79 -22.21
N GLY A 185 -29.07 21.61 -21.22
CA GLY A 185 -29.09 22.44 -20.04
C GLY A 185 -30.13 22.07 -19.00
N LEU A 186 -31.11 21.24 -19.34
CA LEU A 186 -32.13 20.81 -18.41
C LEU A 186 -31.67 19.57 -17.65
N TYR A 187 -32.38 19.26 -16.58
CA TYR A 187 -32.07 18.10 -15.75
C TYR A 187 -33.02 16.94 -16.06
N SER A 188 -32.65 15.76 -15.57
CA SER A 188 -33.45 14.56 -15.73
C SER A 188 -33.17 13.63 -14.57
N LEU A 189 -34.22 13.15 -13.91
CA LEU A 189 -34.09 12.34 -12.72
C LEU A 189 -34.99 11.11 -12.83
N SER A 190 -34.55 10.01 -12.23
CA SER A 190 -35.29 8.76 -12.21
C SER A 190 -35.48 8.30 -10.77
N SER A 191 -36.57 7.57 -10.53
CA SER A 191 -36.87 7.05 -9.20
C SER A 191 -37.65 5.75 -9.38
N VAL A 192 -37.05 4.64 -8.99
CA VAL A 192 -37.63 3.32 -9.19
C VAL A 192 -37.99 2.71 -7.83
N VAL A 193 -38.68 1.57 -7.88
CA VAL A 193 -39.10 0.86 -6.68
C VAL A 193 -39.36 -0.59 -7.06
N THR A 194 -38.97 -1.50 -6.18
CA THR A 194 -39.10 -2.93 -6.41
C THR A 194 -40.27 -3.50 -5.61
N VAL A 195 -41.14 -4.24 -6.28
CA VAL A 195 -42.30 -4.86 -5.63
C VAL A 195 -42.51 -6.24 -6.19
N PRO A 196 -43.06 -7.15 -5.39
CA PRO A 196 -43.31 -8.51 -5.88
C PRO A 196 -44.40 -8.54 -6.95
N SER A 197 -44.29 -9.52 -7.83
CA SER A 197 -45.23 -9.64 -8.95
C SER A 197 -46.62 -10.07 -8.51
N SER A 198 -46.74 -10.67 -7.31
CA SER A 198 -48.05 -11.11 -6.84
C SER A 198 -48.98 -9.96 -6.49
N SER A 199 -48.44 -8.76 -6.30
CA SER A 199 -49.23 -7.58 -5.97
C SER A 199 -49.20 -6.53 -7.08
N LEU A 200 -48.95 -6.95 -8.32
CA LEU A 200 -48.90 -5.99 -9.42
C LEU A 200 -50.29 -5.52 -9.81
N GLY A 201 -51.24 -6.45 -9.92
CA GLY A 201 -52.61 -6.12 -10.25
C GLY A 201 -53.51 -5.86 -9.06
N THR A 202 -52.94 -5.66 -7.87
CA THR A 202 -53.71 -5.43 -6.65
C THR A 202 -53.53 -4.02 -6.11
N GLN A 203 -52.29 -3.55 -5.99
CA GLN A 203 -51.99 -2.26 -5.39
C GLN A 203 -51.76 -1.21 -6.48
N THR A 204 -52.20 0.01 -6.22
CA THR A 204 -52.01 1.13 -7.13
C THR A 204 -50.83 1.97 -6.66
N TYR A 205 -49.87 2.18 -7.56
CA TYR A 205 -48.65 2.93 -7.27
C TYR A 205 -48.67 4.25 -8.02
N ILE A 206 -48.46 5.34 -7.29
CA ILE A 206 -48.42 6.69 -7.85
C ILE A 206 -47.26 7.44 -7.23
N CYS A 207 -46.39 8.00 -8.06
CA CYS A 207 -45.28 8.81 -7.58
C CYS A 207 -45.73 10.26 -7.41
N ASN A 208 -45.18 10.91 -6.39
CA ASN A 208 -45.53 12.29 -6.05
C ASN A 208 -44.34 13.18 -6.35
N VAL A 209 -44.33 13.74 -7.55
CA VAL A 209 -43.25 14.62 -8.00
C VAL A 209 -43.67 16.06 -7.74
N ASN A 210 -42.79 16.82 -7.08
CA ASN A 210 -43.05 18.22 -6.75
C ASN A 210 -41.81 19.03 -7.11
N HIS A 211 -41.92 19.84 -8.16
CA HIS A 211 -40.85 20.75 -8.58
C HIS A 211 -41.20 22.13 -8.03
N LYS A 212 -40.77 22.39 -6.80
CA LYS A 212 -41.15 23.63 -6.12
C LYS A 212 -40.66 24.90 -6.81
N PRO A 213 -39.46 24.96 -7.42
CA PRO A 213 -39.09 26.19 -8.16
C PRO A 213 -40.11 26.64 -9.18
N SER A 214 -40.85 25.70 -9.79
CA SER A 214 -41.97 26.04 -10.66
C SER A 214 -43.31 25.74 -10.03
N ASN A 215 -43.33 25.15 -8.82
CA ASN A 215 -44.55 24.76 -8.12
C ASN A 215 -45.42 23.88 -9.01
N THR A 216 -44.80 22.83 -9.55
CA THR A 216 -45.47 21.89 -10.44
C THR A 216 -45.55 20.54 -9.73
N LYS A 217 -46.70 20.24 -9.15
CA LYS A 217 -46.94 18.98 -8.46
C LYS A 217 -47.59 17.99 -9.43
N VAL A 218 -47.00 16.81 -9.55
CA VAL A 218 -47.47 15.80 -10.50
C VAL A 218 -47.66 14.49 -9.76
N ASP A 219 -48.78 13.81 -10.06
CA ASP A 219 -49.08 12.49 -9.52
C ASP A 219 -49.40 11.58 -10.70
N LYS A 220 -48.46 10.69 -11.03
CA LYS A 220 -48.57 9.81 -12.20
C LYS A 220 -48.87 8.40 -11.75
N LYS A 221 -49.94 7.82 -12.28
CA LYS A 221 -50.30 6.44 -11.99
C LYS A 221 -49.54 5.52 -12.93
N VAL A 222 -48.74 4.61 -12.37
CA VAL A 222 -47.92 3.68 -13.14
C VAL A 222 -48.68 2.36 -13.28
N GLU A 223 -48.85 1.91 -14.52
CA GLU A 223 -49.50 0.65 -14.80
C GLU A 223 -48.69 -0.13 -15.82
N PRO A 224 -48.64 -1.46 -15.72
CA PRO A 224 -47.90 -2.26 -16.71
C PRO A 224 -48.60 -2.28 -18.06
N LYS A 225 -48.01 -3.00 -19.01
CA LYS A 225 -48.53 -3.10 -20.38
C LYS A 225 -48.73 -1.72 -21.01
N ILE B 2 1.18 25.57 -5.23
CA ILE B 2 1.44 24.41 -4.37
C ILE B 2 0.32 23.38 -4.58
N GLN B 3 0.72 22.13 -4.75
CA GLN B 3 -0.18 21.06 -5.13
C GLN B 3 -0.23 19.97 -4.07
N MET B 4 -1.38 19.33 -3.95
CA MET B 4 -1.59 18.23 -3.02
C MET B 4 -2.16 17.03 -3.78
N THR B 5 -1.96 15.85 -3.22
CA THR B 5 -2.44 14.62 -3.84
C THR B 5 -2.59 13.54 -2.78
N GLN B 6 -3.73 12.86 -2.76
CA GLN B 6 -3.98 11.74 -1.87
C GLN B 6 -3.79 10.44 -2.64
N SER B 7 -3.13 9.46 -1.98
CA SER B 7 -2.81 8.22 -2.68
C SER B 7 -4.03 7.32 -2.87
N PRO B 8 -4.80 6.95 -1.82
CA PRO B 8 -5.92 6.03 -2.06
C PRO B 8 -7.07 6.69 -2.80
N SER B 9 -7.33 6.25 -4.04
CA SER B 9 -8.46 6.78 -4.79
C SER B 9 -9.77 6.37 -4.15
N SER B 10 -9.96 5.07 -3.93
CA SER B 10 -11.15 4.55 -3.28
C SER B 10 -10.73 3.57 -2.19
N LEU B 11 -11.52 3.51 -1.12
CA LEU B 11 -11.22 2.66 0.03
C LEU B 11 -12.42 1.79 0.35
N SER B 12 -12.15 0.52 0.65
CA SER B 12 -13.20 -0.42 1.01
C SER B 12 -12.73 -1.37 2.11
N ARG B 18 -8.45 -1.51 10.87
CA ARG B 18 -7.46 -0.45 10.78
C ARG B 18 -7.08 -0.15 9.33
N VAL B 19 -7.08 1.12 8.98
CA VAL B 19 -6.73 1.56 7.62
C VAL B 19 -6.31 3.01 7.70
N SER B 20 -5.47 3.44 6.76
CA SER B 20 -4.92 4.78 6.76
C SER B 20 -5.08 5.42 5.38
N ILE B 21 -4.98 6.74 5.35
CA ILE B 21 -5.09 7.53 4.13
C ILE B 21 -3.83 8.38 3.99
N THR B 22 -3.31 8.44 2.78
CA THR B 22 -2.08 9.17 2.48
C THR B 22 -2.38 10.52 1.86
N CYS B 23 -1.50 11.49 2.09
CA CYS B 23 -1.64 12.83 1.52
C CYS B 23 -0.24 13.36 1.22
N ARG B 24 0.12 13.38 -0.06
CA ARG B 24 1.45 13.78 -0.51
C ARG B 24 1.40 15.15 -1.16
N ALA B 25 2.41 15.97 -0.87
CA ALA B 25 2.53 17.31 -1.44
C ALA B 25 3.57 17.33 -2.56
N SER B 26 3.65 18.47 -3.24
CA SER B 26 4.65 18.67 -4.28
C SER B 26 5.89 19.38 -3.74
N GLN B 27 5.70 20.35 -2.86
CA GLN B 27 6.79 21.06 -2.21
C GLN B 27 6.89 20.60 -0.75
N THR B 28 8.03 20.90 -0.14
CA THR B 28 8.26 20.48 1.24
C THR B 28 7.53 21.40 2.21
N ILE B 29 6.94 20.80 3.24
CA ILE B 29 6.25 21.53 4.30
C ILE B 29 6.62 20.91 5.64
N SER B 30 7.03 21.74 6.59
CA SER B 30 7.48 21.27 7.90
C SER B 30 6.31 21.18 8.87
N THR B 31 5.46 20.18 8.62
CA THR B 31 4.33 19.83 9.49
C THR B 31 3.38 21.02 9.68
N TYR B 32 2.60 21.26 8.63
CA TYR B 32 1.56 22.28 8.67
C TYR B 32 0.38 21.83 7.81
N LEU B 33 -0.09 20.60 8.05
CA LEU B 33 -1.18 20.01 7.28
C LEU B 33 -2.36 19.73 8.20
N ALA B 34 -3.57 19.91 7.66
CA ALA B 34 -4.80 19.66 8.40
C ALA B 34 -5.63 18.59 7.69
N TRP B 35 -6.44 17.87 8.47
CA TRP B 35 -7.34 16.85 7.95
C TRP B 35 -8.77 17.26 8.21
N TYR B 36 -9.68 16.79 7.35
CA TYR B 36 -11.09 17.13 7.46
C TYR B 36 -11.93 15.91 7.10
N GLN B 37 -13.12 15.84 7.69
CA GLN B 37 -14.08 14.78 7.42
C GLN B 37 -15.37 15.41 6.91
N GLN B 38 -15.85 14.94 5.76
CA GLN B 38 -17.08 15.44 5.16
C GLN B 38 -17.99 14.27 4.83
N LYS B 39 -19.20 14.28 5.40
CA LYS B 39 -20.22 13.30 5.04
C LYS B 39 -21.09 13.83 3.91
N PRO B 40 -21.52 12.98 2.99
CA PRO B 40 -22.34 13.45 1.86
C PRO B 40 -23.66 14.04 2.31
N GLY B 41 -23.79 15.36 2.20
CA GLY B 41 -24.99 16.08 2.61
C GLY B 41 -24.77 17.01 3.78
N LYS B 42 -23.71 16.81 4.55
CA LYS B 42 -23.40 17.64 5.71
C LYS B 42 -22.21 18.55 5.40
N VAL B 43 -21.65 19.15 6.45
CA VAL B 43 -20.59 20.15 6.32
C VAL B 43 -19.26 19.50 6.68
N PRO B 44 -18.15 19.92 6.07
CA PRO B 44 -16.84 19.40 6.48
C PRO B 44 -16.56 19.68 7.94
N LYS B 45 -15.86 18.73 8.59
CA LYS B 45 -15.54 18.81 10.00
C LYS B 45 -14.04 18.63 10.18
N LEU B 46 -13.45 19.49 11.00
CA LEU B 46 -12.02 19.42 11.27
C LEU B 46 -11.69 18.26 12.20
N LEU B 47 -10.63 17.53 11.87
CA LEU B 47 -10.14 16.42 12.68
C LEU B 47 -8.77 16.72 13.28
N ILE B 48 -7.77 16.94 12.43
CA ILE B 48 -6.42 17.26 12.86
C ILE B 48 -6.01 18.56 12.16
N TYR B 49 -5.37 19.47 12.90
CA TYR B 49 -5.04 20.78 12.37
C TYR B 49 -3.55 21.05 12.25
N THR B 50 -2.69 20.11 12.65
CA THR B 50 -1.25 20.28 12.47
C THR B 50 -0.57 18.93 12.32
N ALA B 51 -1.22 18.01 11.59
CA ALA B 51 -0.71 16.69 11.26
C ALA B 51 -0.59 15.78 12.49
N SER B 52 -0.32 16.37 13.66
CA SER B 52 -0.15 15.60 14.89
C SER B 52 -1.28 15.83 15.87
N THR B 53 -1.50 17.08 16.28
CA THR B 53 -2.48 17.38 17.32
C THR B 53 -3.89 17.33 16.74
N LEU B 54 -4.76 16.54 17.37
CA LEU B 54 -6.14 16.44 16.92
C LEU B 54 -6.98 17.56 17.51
N GLU B 55 -8.10 17.83 16.84
CA GLU B 55 -9.01 18.87 17.30
C GLU B 55 -9.75 18.42 18.54
N THR B 56 -9.98 19.37 19.46
CA THR B 56 -10.72 19.07 20.69
C THR B 56 -12.13 18.60 20.36
N GLY B 57 -12.50 17.43 20.87
CA GLY B 57 -13.78 16.82 20.59
C GLY B 57 -13.70 15.66 19.62
N VAL B 58 -12.60 15.54 18.88
CA VAL B 58 -12.40 14.44 17.94
C VAL B 58 -12.06 13.18 18.73
N PRO B 59 -12.65 12.03 18.40
CA PRO B 59 -12.30 10.80 19.12
C PRO B 59 -10.81 10.49 19.01
N SER B 60 -10.27 9.91 20.09
CA SER B 60 -8.84 9.62 20.15
C SER B 60 -8.41 8.56 19.15
N ARG B 61 -9.35 7.81 18.58
CA ARG B 61 -9.01 6.79 17.59
C ARG B 61 -8.53 7.40 16.27
N PHE B 62 -8.74 8.70 16.06
CA PHE B 62 -8.27 9.37 14.85
C PHE B 62 -6.87 9.91 15.11
N SER B 63 -5.87 9.28 14.52
CA SER B 63 -4.48 9.66 14.71
C SER B 63 -3.88 10.15 13.39
N GLY B 64 -2.83 10.95 13.51
CA GLY B 64 -2.16 11.49 12.33
C GLY B 64 -0.65 11.52 12.48
N SER B 65 0.05 11.10 11.43
CA SER B 65 1.50 11.06 11.44
C SER B 65 2.03 11.54 10.09
N GLY B 66 3.34 11.75 10.04
CA GLY B 66 3.98 12.19 8.82
C GLY B 66 4.48 13.62 8.92
N SER B 67 5.50 13.92 8.10
CA SER B 67 6.08 15.25 8.04
C SER B 67 6.90 15.37 6.77
N GLY B 68 7.04 16.59 6.29
CA GLY B 68 7.82 16.86 5.08
C GLY B 68 6.94 16.88 3.83
N THR B 69 7.11 15.87 2.97
CA THR B 69 6.37 15.78 1.72
C THR B 69 5.18 14.84 1.78
N GLU B 70 5.19 13.87 2.69
CA GLU B 70 4.12 12.89 2.80
C GLU B 70 3.58 12.87 4.22
N PHE B 71 2.26 12.80 4.34
CA PHE B 71 1.57 12.74 5.62
C PHE B 71 0.58 11.58 5.60
N THR B 72 0.20 11.13 6.80
CA THR B 72 -0.69 9.98 6.94
C THR B 72 -1.76 10.27 7.97
N LEU B 73 -2.97 9.77 7.72
CA LEU B 73 -4.08 9.82 8.66
C LEU B 73 -4.41 8.38 9.06
N THR B 74 -4.10 8.02 10.29
CA THR B 74 -4.23 6.65 10.78
C THR B 74 -5.47 6.53 11.65
N ILE B 75 -6.36 5.61 11.29
CA ILE B 75 -7.52 5.26 12.10
C ILE B 75 -7.54 3.76 12.30
N SER B 76 -7.93 3.31 13.49
CA SER B 76 -7.92 1.90 13.84
C SER B 76 -9.33 1.32 13.88
N SER B 77 -10.20 1.86 14.72
CA SER B 77 -11.56 1.36 14.85
C SER B 77 -12.47 2.08 13.84
N LEU B 78 -13.26 1.31 13.12
CA LEU B 78 -14.17 1.83 12.10
C LEU B 78 -15.59 1.77 12.66
N GLN B 79 -16.01 2.87 13.30
CA GLN B 79 -17.37 2.99 13.80
C GLN B 79 -18.32 3.41 12.69
N PRO B 80 -19.62 3.16 12.84
CA PRO B 80 -20.58 3.57 11.80
C PRO B 80 -20.59 5.08 11.54
N GLU B 81 -20.07 5.89 12.45
CA GLU B 81 -20.03 7.33 12.28
C GLU B 81 -18.74 7.81 11.62
N ASP B 82 -18.04 6.94 10.89
CA ASP B 82 -16.77 7.28 10.28
C ASP B 82 -16.72 7.10 8.77
N PHE B 83 -17.67 6.38 8.18
CA PHE B 83 -17.67 6.14 6.73
C PHE B 83 -18.07 7.43 6.02
N ALA B 84 -17.09 8.17 5.54
CA ALA B 84 -17.32 9.42 4.82
C ALA B 84 -16.06 9.75 4.02
N THR B 85 -16.07 10.92 3.39
CA THR B 85 -14.93 11.38 2.61
C THR B 85 -14.02 12.22 3.48
N TYR B 86 -12.71 12.08 3.28
CA TYR B 86 -11.71 12.75 4.09
C TYR B 86 -10.78 13.55 3.19
N TYR B 87 -10.65 14.84 3.47
CA TYR B 87 -9.81 15.75 2.71
C TYR B 87 -8.67 16.25 3.60
N CYS B 88 -7.49 16.43 3.00
CA CYS B 88 -6.34 17.02 3.68
C CYS B 88 -6.08 18.40 3.12
N GLN B 89 -5.69 19.33 4.00
CA GLN B 89 -5.47 20.72 3.64
C GLN B 89 -4.04 21.13 3.97
N GLN B 90 -3.47 21.97 3.11
CA GLN B 90 -2.15 22.54 3.34
C GLN B 90 -2.31 23.99 3.79
N HIS B 91 -1.84 24.28 5.01
CA HIS B 91 -2.03 25.60 5.60
C HIS B 91 -0.69 26.24 6.00
N ASP B 92 0.37 25.92 5.27
CA ASP B 92 1.67 26.56 5.54
C ASP B 92 1.74 27.93 4.88
N SER B 93 1.73 27.96 3.55
CA SER B 93 1.81 29.20 2.79
C SER B 93 0.61 29.29 1.85
N HIS B 94 0.39 30.51 1.34
CA HIS B 94 -0.68 30.73 0.39
C HIS B 94 -0.24 30.27 -1.01
N PRO B 95 -1.18 29.75 -1.81
CA PRO B 95 -2.58 29.56 -1.43
C PRO B 95 -2.83 28.25 -0.69
N TYR B 96 -3.79 28.25 0.23
CA TYR B 96 -4.22 27.01 0.85
C TYR B 96 -4.79 26.09 -0.22
N SER B 97 -4.48 24.79 -0.11
CA SER B 97 -4.88 23.83 -1.12
C SER B 97 -5.33 22.53 -0.46
N PHE B 98 -6.42 21.97 -0.97
CA PHE B 98 -6.94 20.70 -0.52
C PHE B 98 -6.49 19.60 -1.48
N GLY B 99 -7.07 18.41 -1.32
CA GLY B 99 -6.81 17.32 -2.23
C GLY B 99 -8.08 16.56 -2.53
N GLN B 100 -8.01 15.72 -3.56
CA GLN B 100 -9.13 14.87 -3.92
C GLN B 100 -9.45 13.92 -2.77
N GLY B 101 -10.60 14.11 -2.14
CA GLY B 101 -10.91 13.35 -0.94
C GLY B 101 -11.03 11.86 -1.22
N THR B 102 -10.62 11.06 -0.23
CA THR B 102 -10.70 9.62 -0.31
C THR B 102 -12.05 9.16 0.24
N LYS B 103 -12.77 8.37 -0.54
CA LYS B 103 -14.07 7.86 -0.15
C LYS B 103 -13.90 6.53 0.57
N VAL B 104 -14.29 6.48 1.84
CA VAL B 104 -14.17 5.28 2.66
C VAL B 104 -15.51 4.56 2.57
N GLU B 105 -15.54 3.48 1.80
CA GLU B 105 -16.76 2.72 1.54
C GLU B 105 -16.80 1.46 2.39
N ILE B 106 -18.01 0.96 2.63
CA ILE B 106 -18.20 -0.27 3.38
C ILE B 106 -17.92 -1.47 2.47
N LYS B 107 -17.64 -2.60 3.11
CA LYS B 107 -17.39 -3.86 2.40
C LYS B 107 -18.36 -4.92 2.90
N ARG B 108 -18.91 -5.70 1.97
CA ARG B 108 -19.92 -6.70 2.30
C ARG B 108 -19.79 -7.86 1.32
N THR B 109 -20.78 -8.75 1.34
CA THR B 109 -20.83 -9.84 0.38
C THR B 109 -21.12 -9.29 -1.02
N VAL B 110 -20.41 -9.81 -2.01
CA VAL B 110 -20.58 -9.39 -3.40
C VAL B 110 -21.98 -9.77 -3.86
N ALA B 111 -22.85 -8.79 -4.01
CA ALA B 111 -24.23 -9.02 -4.43
C ALA B 111 -24.36 -8.85 -5.94
N ALA B 112 -25.21 -9.70 -6.54
CA ALA B 112 -25.42 -9.62 -7.98
C ALA B 112 -26.47 -8.56 -8.30
N PRO B 113 -26.24 -7.76 -9.34
CA PRO B 113 -27.21 -6.72 -9.69
C PRO B 113 -28.48 -7.31 -10.31
N SER B 114 -29.60 -6.67 -10.01
CA SER B 114 -30.90 -7.04 -10.57
C SER B 114 -31.18 -6.11 -11.75
N VAL B 115 -31.03 -6.64 -12.96
CA VAL B 115 -31.09 -5.82 -14.17
C VAL B 115 -32.54 -5.74 -14.65
N PHE B 116 -32.99 -4.53 -14.94
CA PHE B 116 -34.30 -4.29 -15.52
C PHE B 116 -34.18 -3.23 -16.60
N ILE B 117 -34.99 -3.36 -17.65
CA ILE B 117 -34.99 -2.40 -18.75
C ILE B 117 -36.42 -1.89 -18.93
N PHE B 118 -36.53 -0.63 -19.30
CA PHE B 118 -37.83 0.04 -19.43
C PHE B 118 -37.92 0.71 -20.79
N PRO B 119 -38.86 0.31 -21.65
CA PRO B 119 -39.04 1.00 -22.93
C PRO B 119 -39.57 2.41 -22.72
N PRO B 120 -39.44 3.28 -23.71
CA PRO B 120 -39.99 4.63 -23.58
C PRO B 120 -41.51 4.60 -23.56
N SER B 121 -42.10 5.55 -22.83
CA SER B 121 -43.54 5.62 -22.68
C SER B 121 -44.17 6.29 -23.90
N ASP B 122 -45.41 5.88 -24.20
CA ASP B 122 -46.13 6.44 -25.34
C ASP B 122 -46.42 7.92 -25.12
N GLU B 123 -46.55 8.36 -23.87
CA GLU B 123 -46.74 9.77 -23.59
C GLU B 123 -45.52 10.59 -24.01
N GLN B 124 -44.33 10.01 -23.89
CA GLN B 124 -43.12 10.71 -24.30
C GLN B 124 -42.91 10.68 -25.81
N LEU B 125 -43.34 9.60 -26.47
CA LEU B 125 -43.18 9.49 -27.91
C LEU B 125 -43.99 10.56 -28.65
N LYS B 126 -45.05 11.07 -28.04
CA LYS B 126 -45.84 12.13 -28.67
C LYS B 126 -45.15 13.48 -28.62
N SER B 127 -44.00 13.58 -27.95
CA SER B 127 -43.26 14.83 -27.83
C SER B 127 -42.07 14.90 -28.77
N GLY B 128 -41.80 13.85 -29.55
CA GLY B 128 -40.72 13.86 -30.52
C GLY B 128 -39.40 13.33 -30.01
N THR B 129 -39.35 12.80 -28.78
CA THR B 129 -38.12 12.26 -28.23
C THR B 129 -38.45 11.03 -27.40
N ALA B 130 -37.44 10.16 -27.24
CA ALA B 130 -37.61 8.91 -26.52
C ALA B 130 -36.44 8.69 -25.58
N SER B 131 -36.71 8.01 -24.47
CA SER B 131 -35.68 7.72 -23.47
C SER B 131 -35.85 6.30 -22.98
N VAL B 132 -34.77 5.52 -23.05
CA VAL B 132 -34.74 4.14 -22.59
C VAL B 132 -33.91 4.06 -21.32
N VAL B 133 -34.40 3.32 -20.33
CA VAL B 133 -33.78 3.23 -19.02
C VAL B 133 -33.41 1.78 -18.75
N CYS B 134 -32.20 1.57 -18.24
CA CYS B 134 -31.74 0.25 -17.80
C CYS B 134 -31.38 0.34 -16.33
N LEU B 135 -32.04 -0.46 -15.50
CA LEU B 135 -31.92 -0.36 -14.05
C LEU B 135 -30.98 -1.43 -13.50
N LEU B 136 -30.13 -1.02 -12.57
CA LEU B 136 -29.29 -1.93 -11.79
C LEU B 136 -29.55 -1.65 -10.32
N ASN B 137 -30.05 -2.65 -9.60
CA ASN B 137 -30.51 -2.47 -8.23
C ASN B 137 -29.72 -3.36 -7.28
N ASN B 138 -29.20 -2.75 -6.21
CA ASN B 138 -28.52 -3.44 -5.13
C ASN B 138 -27.39 -4.34 -5.62
N PHE B 139 -26.23 -3.74 -5.87
CA PHE B 139 -25.06 -4.48 -6.31
C PHE B 139 -23.81 -3.92 -5.63
N TYR B 140 -22.86 -4.81 -5.35
CA TYR B 140 -21.60 -4.44 -4.75
C TYR B 140 -20.46 -5.15 -5.47
N PRO B 141 -19.35 -4.45 -5.76
CA PRO B 141 -19.09 -3.05 -5.39
C PRO B 141 -19.71 -2.02 -6.32
N ARG B 142 -19.30 -0.76 -6.15
CA ARG B 142 -19.84 0.32 -6.97
C ARG B 142 -19.44 0.19 -8.43
N GLU B 143 -18.32 -0.46 -8.70
CA GLU B 143 -17.82 -0.58 -10.07
C GLU B 143 -18.76 -1.44 -10.91
N ALA B 144 -19.25 -0.87 -12.01
CA ALA B 144 -20.10 -1.58 -12.95
C ALA B 144 -19.73 -1.15 -14.37
N LYS B 145 -20.44 -1.69 -15.35
CA LYS B 145 -20.14 -1.38 -16.75
C LYS B 145 -21.40 -1.65 -17.57
N VAL B 146 -21.98 -0.59 -18.14
CA VAL B 146 -23.20 -0.68 -18.93
C VAL B 146 -22.86 -0.30 -20.37
N GLN B 147 -23.37 -1.09 -21.32
CA GLN B 147 -23.10 -0.87 -22.74
C GLN B 147 -24.38 -1.11 -23.51
N TRP B 148 -24.92 -0.05 -24.11
CA TRP B 148 -26.17 -0.15 -24.85
C TRP B 148 -25.93 -0.72 -26.24
N LYS B 149 -26.95 -1.39 -26.77
CA LYS B 149 -26.93 -1.92 -28.13
C LYS B 149 -28.30 -1.79 -28.75
N VAL B 150 -28.34 -1.24 -29.97
CA VAL B 150 -29.58 -1.09 -30.72
C VAL B 150 -29.39 -1.82 -32.05
N ASP B 151 -30.13 -2.91 -32.23
CA ASP B 151 -29.95 -3.80 -33.39
C ASP B 151 -28.49 -4.26 -33.50
N ASN B 152 -27.90 -4.61 -32.35
CA ASN B 152 -26.51 -5.04 -32.26
C ASN B 152 -25.56 -3.97 -32.82
N ALA B 153 -25.80 -2.72 -32.41
CA ALA B 153 -24.93 -1.60 -32.76
C ALA B 153 -24.53 -0.89 -31.49
N LEU B 154 -23.23 -0.62 -31.37
CA LEU B 154 -22.70 0.00 -30.15
C LEU B 154 -23.21 1.42 -30.00
N GLN B 155 -23.56 1.80 -28.77
CA GLN B 155 -24.06 3.13 -28.45
C GLN B 155 -23.13 3.78 -27.44
N SER B 156 -22.70 5.00 -27.74
CA SER B 156 -21.83 5.75 -26.84
C SER B 156 -21.98 7.23 -27.14
N GLY B 157 -22.02 8.04 -26.09
CA GLY B 157 -22.17 9.48 -26.20
C GLY B 157 -23.56 9.99 -25.90
N ASN B 158 -24.58 9.14 -26.02
CA ASN B 158 -25.96 9.53 -25.75
C ASN B 158 -26.51 8.92 -24.48
N SER B 159 -25.71 8.15 -23.74
CA SER B 159 -26.14 7.54 -22.50
C SER B 159 -25.53 8.28 -21.31
N GLN B 160 -26.34 8.51 -20.29
CA GLN B 160 -25.90 9.19 -19.08
C GLN B 160 -26.33 8.38 -17.87
N GLU B 161 -25.39 8.16 -16.95
CA GLU B 161 -25.60 7.30 -15.78
C GLU B 161 -25.74 8.14 -14.52
N SER B 162 -26.21 7.48 -13.46
CA SER B 162 -26.38 8.13 -12.17
C SER B 162 -26.41 7.05 -11.10
N VAL B 163 -25.46 7.07 -10.18
CA VAL B 163 -25.33 6.06 -9.14
C VAL B 163 -25.80 6.67 -7.82
N THR B 164 -26.61 5.92 -7.08
CA THR B 164 -27.06 6.36 -5.76
C THR B 164 -25.97 6.11 -4.73
N GLU B 165 -26.14 6.72 -3.56
CA GLU B 165 -25.24 6.49 -2.46
C GLU B 165 -25.46 5.09 -1.88
N GLN B 166 -24.49 4.63 -1.09
CA GLN B 166 -24.58 3.31 -0.50
C GLN B 166 -25.75 3.25 0.48
N ASP B 167 -26.63 2.27 0.28
CA ASP B 167 -27.84 2.17 1.07
C ASP B 167 -27.52 1.93 2.54
N SER B 168 -28.52 2.19 3.39
CA SER B 168 -28.35 2.04 4.82
C SER B 168 -28.82 0.69 5.34
N LYS B 169 -29.76 0.06 4.66
CA LYS B 169 -30.30 -1.21 5.13
C LYS B 169 -29.43 -2.40 4.71
N ASP B 170 -28.80 -2.31 3.54
CA ASP B 170 -27.97 -3.42 3.05
C ASP B 170 -26.64 -2.98 2.46
N SER B 171 -26.32 -1.69 2.47
CA SER B 171 -25.02 -1.17 2.04
C SER B 171 -24.71 -1.57 0.60
N THR B 172 -25.68 -1.33 -0.29
CA THR B 172 -25.55 -1.66 -1.69
C THR B 172 -25.78 -0.42 -2.55
N TYR B 173 -25.32 -0.48 -3.79
CA TYR B 173 -25.43 0.62 -4.74
C TYR B 173 -26.49 0.31 -5.78
N SER B 174 -26.94 1.36 -6.47
CA SER B 174 -27.93 1.23 -7.53
C SER B 174 -27.60 2.19 -8.66
N LEU B 175 -27.72 1.70 -9.89
CA LEU B 175 -27.38 2.47 -11.08
C LEU B 175 -28.56 2.47 -12.04
N SER B 176 -28.74 3.59 -12.75
CA SER B 176 -29.80 3.73 -13.73
C SER B 176 -29.26 4.51 -14.92
N SER B 177 -29.06 3.82 -16.03
CA SER B 177 -28.54 4.43 -17.25
C SER B 177 -29.69 4.85 -18.15
N THR B 178 -29.64 6.09 -18.63
CA THR B 178 -30.67 6.65 -19.49
C THR B 178 -30.11 6.84 -20.89
N LEU B 179 -30.77 6.25 -21.88
CA LEU B 179 -30.40 6.38 -23.29
C LEU B 179 -31.43 7.24 -23.99
N THR B 180 -31.00 8.40 -24.48
CA THR B 180 -31.90 9.37 -25.10
C THR B 180 -31.77 9.31 -26.62
N LEU B 181 -32.84 8.92 -27.28
CA LEU B 181 -32.91 8.88 -28.73
C LEU B 181 -34.06 9.73 -29.25
N SER B 182 -34.00 10.07 -30.53
CA SER B 182 -35.08 10.80 -31.15
C SER B 182 -36.23 9.87 -31.48
N LYS B 183 -37.42 10.46 -31.66
CA LYS B 183 -38.59 9.66 -32.04
C LYS B 183 -38.38 9.01 -33.40
N ALA B 184 -37.77 9.73 -34.34
CA ALA B 184 -37.55 9.19 -35.68
C ALA B 184 -36.63 7.97 -35.63
N ASP B 185 -35.46 8.12 -35.02
CA ASP B 185 -34.51 7.01 -34.96
C ASP B 185 -34.99 5.88 -34.08
N TYR B 186 -35.90 6.15 -33.13
CA TYR B 186 -36.44 5.07 -32.30
C TYR B 186 -37.34 4.15 -33.12
N GLU B 187 -38.09 4.70 -34.07
CA GLU B 187 -38.97 3.92 -34.91
C GLU B 187 -38.22 3.17 -36.01
N LYS B 188 -36.97 3.54 -36.29
CA LYS B 188 -36.20 2.90 -37.35
C LYS B 188 -35.61 1.56 -36.93
N HIS B 189 -35.71 1.19 -35.66
CA HIS B 189 -35.14 -0.07 -35.17
C HIS B 189 -36.16 -0.75 -34.26
N LYS B 190 -35.99 -2.07 -34.12
CA LYS B 190 -36.93 -2.87 -33.35
C LYS B 190 -36.30 -3.61 -32.18
N VAL B 191 -34.97 -3.69 -32.10
CA VAL B 191 -34.29 -4.43 -31.03
C VAL B 191 -33.49 -3.45 -30.20
N TYR B 192 -33.69 -3.50 -28.88
CA TYR B 192 -32.97 -2.66 -27.93
C TYR B 192 -32.49 -3.53 -26.78
N ALA B 193 -31.20 -3.47 -26.48
CA ALA B 193 -30.59 -4.33 -25.48
C ALA B 193 -29.75 -3.51 -24.51
N CYS B 194 -29.52 -4.09 -23.33
CA CYS B 194 -28.70 -3.48 -22.29
C CYS B 194 -27.78 -4.56 -21.73
N GLU B 195 -26.48 -4.44 -22.02
CA GLU B 195 -25.48 -5.39 -21.56
C GLU B 195 -24.82 -4.86 -20.29
N VAL B 196 -24.73 -5.71 -19.27
CA VAL B 196 -24.20 -5.35 -17.97
C VAL B 196 -23.05 -6.29 -17.63
N THR B 197 -21.95 -5.71 -17.16
CA THR B 197 -20.79 -6.48 -16.70
C THR B 197 -20.47 -6.07 -15.27
N HIS B 198 -20.54 -7.03 -14.35
CA HIS B 198 -20.33 -6.75 -12.94
C HIS B 198 -19.52 -7.89 -12.32
N GLN B 199 -18.90 -7.59 -11.17
CA GLN B 199 -18.09 -8.59 -10.49
C GLN B 199 -18.94 -9.74 -9.95
N GLY B 200 -20.17 -9.46 -9.53
CA GLY B 200 -21.04 -10.49 -8.99
C GLY B 200 -21.75 -11.31 -10.05
N LEU B 201 -21.26 -11.26 -11.29
CA LEU B 201 -21.84 -11.99 -12.41
C LEU B 201 -20.73 -12.72 -13.14
N SER B 202 -20.86 -14.04 -13.25
CA SER B 202 -19.89 -14.84 -13.98
C SER B 202 -20.01 -14.68 -15.49
N SER B 203 -21.15 -14.21 -15.98
CA SER B 203 -21.39 -14.00 -17.40
C SER B 203 -22.10 -12.67 -17.60
N PRO B 204 -21.79 -11.94 -18.67
CA PRO B 204 -22.48 -10.67 -18.94
C PRO B 204 -23.97 -10.86 -19.18
N VAL B 205 -24.78 -10.57 -18.17
CA VAL B 205 -26.23 -10.74 -18.30
C VAL B 205 -26.78 -9.66 -19.23
N THR B 206 -27.65 -10.07 -20.14
CA THR B 206 -28.25 -9.17 -21.13
C THR B 206 -29.76 -9.15 -20.93
N LYS B 207 -30.34 -7.94 -20.93
CA LYS B 207 -31.78 -7.76 -20.84
C LYS B 207 -32.21 -6.89 -22.01
N SER B 208 -33.03 -7.44 -22.89
CA SER B 208 -33.43 -6.77 -24.12
C SER B 208 -34.93 -6.89 -24.31
N PHE B 209 -35.43 -6.20 -25.33
CA PHE B 209 -36.85 -6.22 -25.66
C PHE B 209 -37.03 -5.78 -27.11
N ASN B 210 -38.20 -6.08 -27.64
CA ASN B 210 -38.62 -5.61 -28.96
C ASN B 210 -39.77 -4.63 -28.84
N ARG B 211 -39.90 -3.76 -29.84
CA ARG B 211 -41.00 -2.81 -29.87
C ARG B 211 -42.31 -3.53 -30.17
N GLY B 212 -43.04 -3.91 -29.11
CA GLY B 212 -44.28 -4.62 -29.26
C GLY B 212 -44.85 -5.13 -27.95
N HIS C 10 -9.35 36.25 27.88
CA HIS C 10 -7.90 36.42 27.90
C HIS C 10 -7.39 37.17 26.68
N ILE C 11 -7.99 36.87 25.52
CA ILE C 11 -7.55 37.49 24.28
C ILE C 11 -7.89 38.97 24.23
N ASN C 12 -8.80 39.44 25.09
CA ASN C 12 -9.16 40.85 25.11
C ASN C 12 -8.02 41.75 25.54
N ARG C 13 -6.98 41.18 26.16
CA ARG C 13 -5.83 41.96 26.63
C ARG C 13 -4.77 42.05 25.53
N THR C 14 -5.15 42.72 24.45
CA THR C 14 -4.25 42.94 23.32
C THR C 14 -4.56 44.29 22.69
N ALA C 15 -3.53 45.11 22.51
CA ALA C 15 -3.69 46.44 21.93
C ALA C 15 -3.72 46.30 20.41
N LEU C 16 -4.87 46.61 19.80
CA LEU C 16 -5.02 46.51 18.36
C LEU C 16 -5.27 47.88 17.75
N ASN C 17 -4.46 48.87 18.12
CA ASN C 17 -4.57 50.22 17.56
C ASN C 17 -3.68 50.32 16.32
N CYS C 18 -4.06 49.54 15.30
CA CYS C 18 -3.31 49.45 14.06
C CYS C 18 -3.95 50.36 13.02
N ASN C 19 -3.24 51.41 12.63
CA ASN C 19 -3.71 52.37 11.64
C ASN C 19 -2.63 52.50 10.58
N ASP C 20 -2.70 51.64 9.56
CA ASP C 20 -1.72 51.63 8.46
C ASP C 20 -1.94 52.87 7.60
N SER C 21 -1.44 54.01 8.11
CA SER C 21 -1.58 55.26 7.38
C SER C 21 -0.56 55.37 6.26
N LEU C 22 0.66 54.87 6.49
CA LEU C 22 1.70 54.88 5.46
C LEU C 22 1.46 53.87 4.35
N GLN C 23 0.41 53.05 4.47
CA GLN C 23 0.05 52.07 3.44
C GLN C 23 1.19 51.09 3.18
N THR C 24 1.81 50.59 4.24
CA THR C 24 2.91 49.64 4.13
C THR C 24 2.47 48.19 4.33
N GLY C 25 1.27 47.95 4.83
CA GLY C 25 0.74 46.61 4.94
C GLY C 25 1.54 45.68 5.84
N PHE C 26 1.98 46.18 6.99
CA PHE C 26 2.73 45.34 7.93
C PHE C 26 1.84 44.32 8.63
N ILE C 27 0.53 44.56 8.68
CA ILE C 27 -0.39 43.68 9.40
C ILE C 27 -0.50 42.31 8.72
N THR C 28 -0.07 42.20 7.47
CA THR C 28 -0.14 40.93 6.77
C THR C 28 0.69 39.85 7.47
N SER C 29 1.90 40.20 7.89
CA SER C 29 2.74 39.25 8.63
C SER C 29 2.32 39.11 10.09
N LEU C 30 1.36 39.90 10.56
CA LEU C 30 0.84 39.71 11.91
C LEU C 30 -0.06 38.49 11.98
N PHE C 31 -0.74 38.16 10.88
CA PHE C 31 -1.74 37.09 10.88
C PHE C 31 -1.21 35.75 10.39
N TYR C 32 -0.23 35.75 9.49
CA TYR C 32 0.39 34.53 8.98
C TYR C 32 1.89 34.76 8.84
N ALA C 33 2.59 33.75 8.33
CA ALA C 33 4.04 33.80 8.17
C ALA C 33 4.38 33.92 6.70
N LYS C 34 5.27 34.86 6.38
CA LYS C 34 5.76 35.04 5.02
C LYS C 34 7.04 35.86 5.00
N CYS C 41 17.44 43.93 3.39
CA CYS C 41 17.69 44.72 4.59
C CYS C 41 18.99 45.51 4.49
N PRO C 42 19.03 46.71 5.07
CA PRO C 42 20.25 47.54 5.07
C PRO C 42 21.35 46.95 5.94
N PRO C 58 18.04 53.04 23.09
CA PRO C 58 18.46 52.12 24.14
C PRO C 58 17.97 52.52 25.53
N ARG C 59 16.75 53.06 25.59
CA ARG C 59 16.19 53.52 26.86
C ARG C 59 15.61 52.33 27.64
N PRO C 60 15.62 52.41 28.96
CA PRO C 60 15.06 51.31 29.76
C PRO C 60 13.54 51.25 29.64
N CYS C 61 13.00 50.05 29.86
CA CYS C 61 11.57 49.82 29.73
C CYS C 61 10.83 50.39 30.93
N ASP C 62 9.80 51.20 30.66
CA ASP C 62 8.99 51.78 31.72
C ASP C 62 7.51 51.54 31.43
N VAL C 63 6.72 52.61 31.41
CA VAL C 63 5.29 52.53 31.12
C VAL C 63 5.05 52.99 29.69
N VAL C 64 4.19 52.27 28.97
CA VAL C 64 3.88 52.58 27.59
C VAL C 64 2.37 52.47 27.39
N SER C 65 1.79 53.45 26.69
CA SER C 65 0.36 53.47 26.47
C SER C 65 -0.04 52.45 25.41
N ALA C 66 -1.21 51.84 25.60
CA ALA C 66 -1.67 50.81 24.67
C ALA C 66 -2.18 51.39 23.37
N ARG C 67 -2.65 52.64 23.38
CA ARG C 67 -3.17 53.25 22.16
C ARG C 67 -2.09 53.45 21.11
N THR C 68 -0.82 53.42 21.50
CA THR C 68 0.30 53.49 20.55
C THR C 68 0.95 52.12 20.37
N VAL C 69 0.21 51.05 20.59
CA VAL C 69 0.72 49.68 20.45
C VAL C 69 -0.25 48.91 19.56
N CYS C 70 0.31 48.17 18.59
CA CYS C 70 -0.46 47.34 17.67
C CYS C 70 0.10 45.93 17.72
N GLY C 71 -0.62 45.02 18.37
CA GLY C 71 -0.19 43.65 18.49
C GLY C 71 0.27 43.30 19.89
N PRO C 72 0.66 42.05 20.10
CA PRO C 72 1.08 41.62 21.43
C PRO C 72 2.39 42.28 21.84
N VAL C 73 2.59 42.34 23.16
CA VAL C 73 3.81 42.88 23.76
C VAL C 73 4.58 41.74 24.39
N TYR C 74 5.86 41.62 24.04
CA TYR C 74 6.73 40.56 24.51
C TYR C 74 7.88 41.18 25.30
N CYS C 75 7.83 41.05 26.63
CA CYS C 75 8.94 41.43 27.48
C CYS C 75 9.87 40.24 27.64
N PHE C 76 11.17 40.48 27.53
CA PHE C 76 12.17 39.42 27.45
C PHE C 76 12.97 39.37 28.75
N THR C 77 12.56 38.47 29.63
CA THR C 77 13.39 37.97 30.73
C THR C 77 14.34 36.95 30.10
N PRO C 78 15.07 36.14 30.88
CA PRO C 78 15.72 34.98 30.26
C PRO C 78 14.80 34.16 29.37
N SER C 79 13.51 34.09 29.69
CA SER C 79 12.51 33.45 28.84
C SER C 79 11.50 34.49 28.34
N PRO C 80 10.99 34.33 27.12
CA PRO C 80 10.04 35.31 26.58
C PRO C 80 8.68 35.22 27.27
N VAL C 81 8.23 36.34 27.81
CA VAL C 81 6.97 36.41 28.54
C VAL C 81 6.07 37.43 27.85
N VAL C 82 4.80 37.05 27.66
CA VAL C 82 3.80 37.93 27.05
C VAL C 82 3.20 38.81 28.13
N VAL C 83 3.04 40.10 27.82
CA VAL C 83 2.50 41.07 28.75
C VAL C 83 1.13 41.50 28.26
N GLY C 84 0.15 41.54 29.17
CA GLY C 84 -1.20 41.94 28.83
C GLY C 84 -1.46 43.41 29.05
N THR C 85 -2.70 43.82 28.75
CA THR C 85 -3.11 45.21 28.89
C THR C 85 -3.76 45.41 30.25
N THR C 86 -3.22 46.33 31.03
CA THR C 86 -3.79 46.65 32.34
C THR C 86 -3.99 48.15 32.48
N ASP C 87 -4.35 48.61 33.67
CA ASP C 87 -4.48 50.03 33.96
C ASP C 87 -3.22 50.52 34.66
N LYS C 88 -3.32 51.64 35.37
CA LYS C 88 -2.16 52.18 36.08
C LYS C 88 -1.80 51.35 37.31
N LEU C 89 -2.76 50.63 37.89
CA LEU C 89 -2.51 49.82 39.08
C LEU C 89 -2.13 48.38 38.76
N GLY C 90 -2.54 47.88 37.59
CA GLY C 90 -2.27 46.50 37.22
C GLY C 90 -3.51 45.64 37.03
N ILE C 91 -4.71 46.20 37.12
CA ILE C 91 -5.93 45.41 36.92
C ILE C 91 -6.06 45.09 35.43
N PRO C 92 -6.23 43.82 35.05
CA PRO C 92 -6.35 43.47 33.63
C PRO C 92 -7.62 44.05 33.02
N THR C 93 -7.44 44.95 32.06
CA THR C 93 -8.56 45.58 31.37
C THR C 93 -8.81 44.86 30.04
N TYR C 94 -10.08 44.67 29.71
CA TYR C 94 -10.50 43.89 28.55
C TYR C 94 -11.12 44.77 27.47
N ASN C 95 -10.52 45.93 27.21
CA ASN C 95 -11.06 46.88 26.24
C ASN C 95 -10.19 47.00 24.99
N TRP C 96 -9.33 46.01 24.74
CA TRP C 96 -8.48 45.95 23.55
C TRP C 96 -7.56 47.15 23.43
N GLY C 97 -7.24 47.81 24.54
CA GLY C 97 -6.41 49.00 24.47
C GLY C 97 -7.07 50.21 23.85
N GLU C 98 -8.41 50.25 23.84
CA GLU C 98 -9.12 51.36 23.22
C GLU C 98 -9.16 52.57 24.15
N ASN C 99 -9.56 52.36 25.41
CA ASN C 99 -9.59 53.44 26.37
C ASN C 99 -8.19 53.88 26.75
N GLU C 100 -8.04 55.17 27.05
CA GLU C 100 -6.74 55.74 27.38
C GLU C 100 -6.17 55.20 28.68
N THR C 101 -6.97 54.51 29.49
CA THR C 101 -6.50 53.95 30.75
C THR C 101 -5.75 52.62 30.58
N ASP C 102 -5.52 52.18 29.34
CA ASP C 102 -4.85 50.92 29.06
C ASP C 102 -3.37 51.19 28.78
N VAL C 103 -2.50 50.54 29.55
CA VAL C 103 -1.06 50.69 29.42
C VAL C 103 -0.42 49.32 29.63
N PHE C 104 0.90 49.27 29.45
CA PHE C 104 1.70 48.07 29.69
C PHE C 104 2.74 48.38 30.75
N MET C 105 2.81 47.53 31.78
CA MET C 105 3.77 47.70 32.88
C MET C 105 4.99 46.86 32.57
N LEU C 106 5.90 47.42 31.76
CA LEU C 106 7.12 46.71 31.41
C LEU C 106 8.09 46.62 32.60
N GLU C 107 8.03 47.60 33.51
CA GLU C 107 8.91 47.59 34.67
C GLU C 107 8.53 46.52 35.67
N SER C 108 7.29 46.05 35.67
CA SER C 108 6.85 45.01 36.59
C SER C 108 7.36 43.62 36.20
N LEU C 109 7.89 43.46 34.99
CA LEU C 109 8.45 42.19 34.54
C LEU C 109 9.97 42.17 34.59
N ARG C 110 10.57 43.01 35.43
CA ARG C 110 12.02 43.10 35.52
C ARG C 110 12.61 41.94 36.32
N GLY C 118 14.32 43.43 28.78
CA GLY C 118 13.94 44.12 27.56
C GLY C 118 12.53 43.78 27.09
N CYS C 119 11.92 44.70 26.36
CA CYS C 119 10.58 44.51 25.82
C CYS C 119 10.50 45.12 24.43
N THR C 120 9.69 44.51 23.58
CA THR C 120 9.45 45.01 22.23
C THR C 120 7.96 44.99 21.93
N TRP C 121 7.56 45.84 20.98
CA TRP C 121 6.17 45.94 20.55
C TRP C 121 6.14 46.73 19.26
N MET C 122 5.02 46.64 18.55
CA MET C 122 4.80 47.37 17.32
C MET C 122 3.85 48.53 17.60
N ASN C 123 4.20 49.71 17.08
CA ASN C 123 3.41 50.91 17.32
C ASN C 123 2.24 50.95 16.32
N SER C 124 1.50 52.06 16.31
CA SER C 124 0.29 52.15 15.50
C SER C 124 0.61 52.16 14.01
N THR C 125 1.77 52.69 13.61
CA THR C 125 2.12 52.85 12.21
C THR C 125 3.08 51.77 11.71
N GLY C 126 3.42 50.79 12.54
CA GLY C 126 4.26 49.69 12.10
C GLY C 126 5.75 49.92 12.29
N PHE C 127 6.17 50.18 13.52
CA PHE C 127 7.58 50.32 13.86
C PHE C 127 7.87 49.49 15.11
N THR C 128 8.99 48.78 15.08
CA THR C 128 9.38 47.90 16.18
C THR C 128 10.00 48.76 17.28
N LYS C 129 9.16 49.22 18.20
CA LYS C 129 9.64 50.01 19.33
C LYS C 129 10.24 49.08 20.38
N THR C 130 11.48 49.37 20.78
CA THR C 130 12.22 48.54 21.73
C THR C 130 12.55 49.36 22.97
N CYS C 131 13.10 48.67 23.97
CA CYS C 131 13.53 49.30 25.21
C CYS C 131 14.47 48.35 25.93
N GLY C 132 15.21 48.91 26.90
CA GLY C 132 16.14 48.13 27.68
C GLY C 132 17.39 48.88 28.07
N GLY C 144 15.93 45.19 23.36
CA GLY C 144 14.87 44.22 23.20
C GLY C 144 15.30 42.79 23.51
N PRO C 145 15.09 41.89 22.55
CA PRO C 145 15.49 40.48 22.74
C PRO C 145 16.92 40.17 22.34
N TRP C 146 17.74 41.19 22.04
CA TRP C 146 19.13 40.98 21.64
C TRP C 146 19.98 40.85 22.89
N ILE C 147 20.02 39.64 23.44
CA ILE C 147 20.93 39.35 24.55
C ILE C 147 22.37 39.48 24.08
N THR C 148 22.69 38.87 22.94
CA THR C 148 23.95 38.97 22.26
C THR C 148 23.81 39.81 21.00
N PRO C 149 24.74 40.73 20.72
CA PRO C 149 24.66 41.50 19.46
C PRO C 149 24.61 40.63 18.21
N ARG C 150 24.91 39.34 18.32
CA ARG C 150 24.82 38.40 17.21
C ARG C 150 23.66 37.43 17.34
N CYS C 151 23.04 37.32 18.52
CA CYS C 151 21.94 36.41 18.76
C CYS C 151 20.66 37.20 19.05
N LEU C 152 19.59 36.46 19.35
CA LEU C 152 18.28 37.06 19.56
C LEU C 152 17.37 36.02 20.20
N VAL C 153 16.62 36.44 21.22
CA VAL C 153 15.71 35.53 21.91
C VAL C 153 14.54 35.21 21.00
N ASP C 154 14.33 33.92 20.73
CA ASP C 154 13.24 33.50 19.85
C ASP C 154 11.90 33.55 20.58
N TYR C 155 10.86 33.85 19.82
CA TYR C 155 9.50 33.94 20.32
C TYR C 155 8.55 33.95 19.14
N PRO C 156 7.27 33.64 19.35
CA PRO C 156 6.34 33.45 18.22
C PRO C 156 6.24 34.61 17.24
N TYR C 157 6.79 35.79 17.57
CA TYR C 157 6.74 36.95 16.67
C TYR C 157 8.13 37.49 16.36
N ARG C 158 9.14 36.61 16.37
CA ARG C 158 10.50 37.06 16.08
C ARG C 158 10.61 37.59 14.65
N LEU C 159 9.94 36.94 13.71
CA LEU C 159 10.04 37.32 12.31
C LEU C 159 9.17 38.53 11.97
N TRP C 160 8.15 38.82 12.78
CA TRP C 160 7.31 39.99 12.49
C TRP C 160 7.93 41.27 13.04
N HIS C 161 8.49 41.22 14.25
CA HIS C 161 9.16 42.39 14.80
C HIS C 161 10.55 42.58 14.23
N TYR C 162 11.21 41.49 13.81
CA TYR C 162 12.56 41.55 13.25
C TYR C 162 12.58 40.69 11.99
N PRO C 163 12.15 41.23 10.85
CA PRO C 163 12.09 40.41 9.63
C PRO C 163 13.45 39.96 9.14
N CYS C 164 14.51 40.73 9.38
CA CYS C 164 15.84 40.40 8.91
C CYS C 164 16.53 39.33 9.75
N THR C 165 15.76 38.50 10.45
CA THR C 165 16.31 37.42 11.26
C THR C 165 15.75 36.06 10.84
N VAL C 166 15.17 35.97 9.64
CA VAL C 166 14.61 34.70 9.17
C VAL C 166 15.72 33.68 8.96
N ASN C 167 16.84 34.10 8.37
CA ASN C 167 17.98 33.23 8.10
C ASN C 167 18.87 33.01 9.32
N PHE C 168 18.31 33.05 10.52
CA PHE C 168 19.06 32.82 11.75
C PHE C 168 18.86 31.39 12.23
N THR C 169 19.87 30.90 12.95
CA THR C 169 19.88 29.53 13.44
C THR C 169 19.42 29.48 14.90
N LEU C 170 18.56 28.52 15.21
CA LEU C 170 18.03 28.36 16.56
C LEU C 170 18.93 27.45 17.39
N HIS C 171 19.05 27.77 18.67
CA HIS C 171 19.83 26.98 19.60
C HIS C 171 19.06 26.82 20.90
N LYS C 172 19.27 25.68 21.56
CA LYS C 172 18.65 25.41 22.85
C LYS C 172 19.54 25.95 23.97
N VAL C 173 18.96 26.75 24.86
CA VAL C 173 19.70 27.42 25.92
C VAL C 173 19.17 26.94 27.26
N ARG C 174 20.08 26.64 28.17
CA ARG C 174 19.75 26.30 29.56
C ARG C 174 20.74 27.02 30.47
N MET C 175 20.21 27.78 31.42
CA MET C 175 21.06 28.53 32.33
C MET C 175 20.26 28.95 33.55
N PHE C 176 20.95 28.99 34.70
CA PHE C 176 20.37 29.43 35.96
C PHE C 176 20.65 30.92 36.12
N VAL C 177 19.71 31.75 35.67
CA VAL C 177 19.82 33.20 35.80
C VAL C 177 19.10 33.59 37.09
N GLY C 178 19.88 33.89 38.12
CA GLY C 178 19.30 34.24 39.41
C GLY C 178 18.71 33.08 40.17
N GLY C 179 19.21 31.87 39.94
CA GLY C 179 18.72 30.68 40.60
C GLY C 179 17.60 29.97 39.88
N ILE C 180 16.87 30.65 39.02
CA ILE C 180 15.77 30.06 38.26
C ILE C 180 16.31 29.51 36.95
N GLU C 181 15.96 28.27 36.63
CA GLU C 181 16.38 27.64 35.39
C GLU C 181 15.39 27.99 34.28
N HIS C 182 15.88 28.66 33.24
CA HIS C 182 15.06 29.09 32.12
C HIS C 182 15.45 28.30 30.87
N ARG C 183 14.44 27.82 30.15
CA ARG C 183 14.64 27.13 28.88
C ARG C 183 13.98 27.94 27.77
N PHE C 184 14.75 28.27 26.75
CA PHE C 184 14.27 29.08 25.64
C PHE C 184 15.17 28.84 24.43
N ASP C 185 14.81 29.43 23.31
CA ASP C 185 15.57 29.30 22.07
C ASP C 185 16.11 30.67 21.66
N ALA C 186 17.26 30.64 21.00
CA ALA C 186 17.93 31.84 20.50
C ALA C 186 17.88 31.87 18.98
N ALA C 187 18.48 32.90 18.39
CA ALA C 187 18.54 33.05 16.94
C ALA C 187 19.82 33.83 16.62
N CYS C 188 20.91 33.11 16.43
CA CYS C 188 22.21 33.70 16.20
C CYS C 188 22.52 33.71 14.70
N ASN C 189 23.71 34.19 14.36
CA ASN C 189 24.15 34.25 12.97
C ASN C 189 24.90 32.99 12.57
N LEU D 4 8.12 -10.59 9.44
CA LEU D 4 8.65 -10.61 8.08
C LEU D 4 7.60 -11.17 7.11
N VAL D 5 7.07 -10.30 6.25
CA VAL D 5 6.01 -10.68 5.31
C VAL D 5 6.25 -9.96 3.99
N GLN D 6 5.90 -10.64 2.90
CA GLN D 6 6.09 -10.10 1.56
C GLN D 6 4.77 -9.56 1.02
N SER D 7 4.83 -9.05 -0.21
CA SER D 7 3.66 -8.46 -0.86
C SER D 7 2.79 -9.56 -1.46
N GLY D 8 1.72 -9.15 -2.14
CA GLY D 8 0.78 -10.09 -2.73
C GLY D 8 1.26 -10.65 -4.05
N ALA D 9 0.58 -11.72 -4.48
CA ALA D 9 0.93 -12.37 -5.74
C ALA D 9 0.50 -11.52 -6.92
N GLU D 10 1.36 -11.46 -7.93
CA GLU D 10 1.11 -10.66 -9.13
C GLU D 10 1.41 -11.48 -10.38
N VAL D 11 0.69 -11.16 -11.45
CA VAL D 11 0.87 -11.80 -12.75
C VAL D 11 0.99 -10.70 -13.79
N LYS D 12 2.13 -10.66 -14.48
CA LYS D 12 2.42 -9.60 -15.44
C LYS D 12 2.83 -10.20 -16.77
N LYS D 13 2.68 -9.41 -17.83
CA LYS D 13 2.99 -9.83 -19.18
C LYS D 13 4.48 -9.65 -19.46
N PRO D 14 5.03 -10.41 -20.42
CA PRO D 14 6.45 -10.28 -20.74
C PRO D 14 6.81 -8.86 -21.16
N GLY D 15 8.04 -8.47 -20.84
CA GLY D 15 8.50 -7.12 -21.13
C GLY D 15 7.86 -6.09 -20.22
N ALA D 16 7.89 -6.36 -18.91
CA ALA D 16 7.31 -5.46 -17.92
C ALA D 16 8.18 -5.47 -16.67
N SER D 17 7.78 -4.70 -15.67
CA SER D 17 8.50 -4.57 -14.42
C SER D 17 7.59 -4.91 -13.26
N VAL D 18 8.13 -5.63 -12.28
CA VAL D 18 7.39 -6.02 -11.08
C VAL D 18 8.07 -5.40 -9.86
N LYS D 19 7.26 -4.87 -8.95
CA LYS D 19 7.74 -4.29 -7.71
C LYS D 19 7.34 -5.20 -6.56
N LEU D 20 8.31 -5.87 -5.97
CA LEU D 20 8.09 -6.77 -4.84
C LEU D 20 8.49 -6.09 -3.54
N SER D 21 7.71 -6.32 -2.50
CA SER D 21 7.95 -5.72 -1.19
C SER D 21 8.18 -6.80 -0.15
N CYS D 22 8.81 -6.40 0.95
CA CYS D 22 9.02 -7.26 2.10
C CYS D 22 8.91 -6.40 3.34
N LYS D 23 8.90 -7.05 4.50
CA LYS D 23 8.78 -6.32 5.77
C LYS D 23 9.66 -6.99 6.81
N ALA D 24 9.94 -6.25 7.88
CA ALA D 24 10.80 -6.71 8.97
C ALA D 24 10.12 -6.45 10.29
N SER D 25 10.20 -7.43 11.20
CA SER D 25 9.61 -7.31 12.52
C SER D 25 10.25 -8.33 13.45
N GLY D 26 10.74 -7.85 14.59
CA GLY D 26 11.36 -8.71 15.58
C GLY D 26 12.87 -8.73 15.57
N PHE D 27 13.51 -8.01 14.65
CA PHE D 27 14.96 -7.96 14.58
C PHE D 27 15.39 -6.58 14.12
N THR D 28 16.69 -6.34 14.12
CA THR D 28 17.24 -5.06 13.71
C THR D 28 17.54 -5.09 12.22
N PHE D 29 17.05 -4.07 11.50
CA PHE D 29 17.17 -4.03 10.05
C PHE D 29 18.50 -3.46 9.60
N ARG D 30 19.22 -2.75 10.45
CA ARG D 30 20.52 -2.21 10.08
C ARG D 30 21.58 -3.30 10.00
N ILE D 31 21.63 -4.18 11.01
CA ILE D 31 22.64 -5.22 11.05
C ILE D 31 22.33 -6.32 10.06
N TYR D 32 21.05 -6.66 9.90
CA TYR D 32 20.64 -7.86 9.19
C TYR D 32 20.45 -7.56 7.70
N ALA D 33 21.11 -8.33 6.85
CA ALA D 33 20.96 -8.20 5.42
C ALA D 33 19.78 -9.02 4.94
N ILE D 34 19.06 -8.49 3.96
CA ILE D 34 17.85 -9.11 3.42
C ILE D 34 18.11 -9.46 1.97
N SER D 35 17.94 -10.73 1.62
CA SER D 35 18.19 -11.24 0.28
C SER D 35 16.89 -11.71 -0.37
N TRP D 36 17.00 -12.16 -1.61
CA TRP D 36 15.86 -12.67 -2.37
C TRP D 36 16.27 -13.93 -3.10
N VAL D 37 15.41 -14.95 -3.05
CA VAL D 37 15.70 -16.27 -3.59
C VAL D 37 14.59 -16.65 -4.56
N ARG D 38 14.98 -17.04 -5.77
CA ARG D 38 14.05 -17.50 -6.80
C ARG D 38 13.99 -19.03 -6.80
N GLN D 39 12.80 -19.57 -7.06
CA GLN D 39 12.64 -21.02 -7.20
C GLN D 39 11.63 -21.28 -8.32
N ALA D 40 12.13 -21.68 -9.49
CA ALA D 40 11.27 -22.04 -10.59
C ALA D 40 10.49 -23.30 -10.25
N PRO D 41 9.25 -23.42 -10.75
CA PRO D 41 8.42 -24.59 -10.42
C PRO D 41 9.07 -25.89 -10.87
N GLY D 42 9.42 -26.73 -9.90
CA GLY D 42 10.02 -28.02 -10.17
C GLY D 42 11.52 -28.04 -10.21
N GLN D 43 12.18 -26.88 -10.13
CA GLN D 43 13.63 -26.80 -10.17
C GLN D 43 14.17 -26.38 -8.80
N GLY D 44 15.49 -26.15 -8.75
CA GLY D 44 16.16 -25.83 -7.51
C GLY D 44 15.92 -24.40 -7.06
N LEU D 45 16.82 -23.90 -6.23
CA LEU D 45 16.74 -22.57 -5.66
C LEU D 45 17.76 -21.66 -6.33
N GLU D 46 17.30 -20.53 -6.85
CA GLU D 46 18.14 -19.55 -7.52
C GLU D 46 18.54 -18.44 -6.53
N TRP D 47 19.72 -17.90 -6.74
CA TRP D 47 20.32 -16.95 -5.80
C TRP D 47 20.26 -15.52 -6.35
N MET D 48 19.05 -15.08 -6.66
CA MET D 48 18.87 -13.75 -7.25
C MET D 48 19.07 -12.67 -6.19
N GLU D 50 21.31 -9.58 -4.51
CA GLU D 50 20.71 -10.42 -3.47
C GLU D 50 20.43 -9.63 -2.21
N ILE D 51 21.47 -9.46 -1.40
CA ILE D 51 21.34 -8.96 -0.05
C ILE D 51 21.43 -7.44 -0.05
N VAL D 52 20.87 -6.82 0.99
CA VAL D 52 20.92 -5.38 1.17
C VAL D 52 20.59 -4.99 2.61
N PRO D 53 21.57 -4.63 3.41
CA PRO D 53 21.29 -3.92 4.66
C PRO D 53 21.04 -2.45 4.38
N LEU D 54 20.40 -1.78 5.34
CA LEU D 54 20.08 -0.37 5.14
C LEU D 54 21.31 0.52 5.17
N GLY D 55 22.49 -0.02 5.41
CA GLY D 55 23.72 0.76 5.41
C GLY D 55 24.12 1.17 4.01
N GLY D 56 23.33 0.71 3.04
CA GLY D 56 23.54 1.03 1.65
C GLY D 56 24.28 -0.01 0.84
N ILE D 57 24.52 -1.19 1.40
CA ILE D 57 25.30 -2.22 0.74
C ILE D 57 24.37 -3.07 -0.11
N THR D 58 24.74 -3.27 -1.38
CA THR D 58 23.96 -4.09 -2.30
C THR D 58 24.91 -4.96 -3.11
N ASN D 59 24.58 -6.24 -3.25
CA ASN D 59 25.37 -7.19 -4.03
C ASN D 59 24.42 -8.12 -4.75
N TYR D 60 24.31 -7.96 -6.07
CA TYR D 60 23.41 -8.77 -6.88
C TYR D 60 24.13 -9.97 -7.47
N ALA D 61 23.35 -10.87 -8.08
CA ALA D 61 23.90 -12.00 -8.79
C ALA D 61 24.10 -11.65 -10.26
N GLN D 62 25.01 -12.38 -10.91
CA GLN D 62 25.40 -12.05 -12.28
C GLN D 62 24.23 -12.18 -13.24
N ASN D 63 23.44 -13.26 -13.10
CA ASN D 63 22.30 -13.46 -13.98
C ASN D 63 21.19 -12.43 -13.78
N PHE D 64 21.24 -11.65 -12.70
CA PHE D 64 20.21 -10.67 -12.40
C PHE D 64 20.78 -9.29 -12.12
N GLN D 65 22.10 -9.09 -12.30
CA GLN D 65 22.71 -7.82 -11.96
C GLN D 65 22.21 -6.68 -12.82
N GLY D 66 21.70 -6.98 -14.02
CA GLY D 66 21.29 -5.93 -14.94
C GLY D 66 19.87 -5.44 -14.75
N ARG D 67 18.96 -6.30 -14.29
CA ARG D 67 17.55 -5.97 -14.25
C ARG D 67 16.91 -6.16 -12.88
N ALA D 68 17.69 -6.43 -11.83
CA ALA D 68 17.17 -6.56 -10.48
C ALA D 68 17.66 -5.38 -9.65
N ALA D 69 16.72 -4.54 -9.22
CA ALA D 69 17.02 -3.35 -8.44
C ALA D 69 16.45 -3.56 -7.03
N ILE D 70 17.33 -3.85 -6.08
CA ILE D 70 16.95 -4.10 -4.69
C ILE D 70 17.36 -2.89 -3.88
N THR D 71 16.38 -2.19 -3.33
CA THR D 71 16.60 -0.99 -2.53
C THR D 71 16.12 -1.24 -1.11
N ALA D 72 16.92 -0.80 -0.13
CA ALA D 72 16.57 -0.96 1.28
C ALA D 72 15.36 -0.10 1.64
N ASP D 73 15.54 1.21 1.60
CA ASP D 73 14.47 2.18 1.86
C ASP D 73 13.76 1.88 3.19
N THR D 74 14.49 2.12 4.27
CA THR D 74 14.01 1.80 5.61
C THR D 74 13.06 2.91 6.10
N SER D 75 11.87 2.91 5.50
CA SER D 75 10.77 3.68 6.03
C SER D 75 9.96 2.85 7.02
N ILE D 76 9.62 1.62 6.62
CA ILE D 76 9.01 0.65 7.52
C ILE D 76 9.78 -0.67 7.37
N ASN D 77 11.08 -0.58 7.11
CA ASN D 77 11.95 -1.73 6.89
C ASN D 77 11.41 -2.61 5.76
N THR D 78 11.44 -2.04 4.56
CA THR D 78 10.81 -2.66 3.40
C THR D 78 11.76 -3.57 2.63
N ALA D 79 12.88 -3.03 2.16
CA ALA D 79 13.80 -3.73 1.27
C ALA D 79 13.08 -4.21 0.01
N TYR D 80 12.78 -3.23 -0.85
CA TYR D 80 11.99 -3.48 -2.05
C TYR D 80 12.78 -4.31 -3.06
N MET D 81 12.03 -4.94 -3.97
CA MET D 81 12.60 -5.76 -5.03
C MET D 81 11.93 -5.40 -6.35
N GLU D 82 12.72 -4.98 -7.33
CA GLU D 82 12.20 -4.59 -8.64
C GLU D 82 12.93 -5.37 -9.72
N LEU D 83 12.17 -6.06 -10.56
CA LEU D 83 12.73 -6.87 -11.64
C LEU D 83 12.08 -6.44 -12.95
N SER D 84 12.88 -5.89 -13.85
CA SER D 84 12.40 -5.39 -15.13
C SER D 84 12.76 -6.37 -16.25
N SER D 85 12.13 -6.14 -17.41
CA SER D 85 12.33 -6.96 -18.60
C SER D 85 12.07 -8.44 -18.30
N LEU D 86 10.85 -8.71 -17.86
CA LEU D 86 10.45 -10.07 -17.52
C LEU D 86 10.36 -10.93 -18.78
N ARG D 87 10.53 -12.24 -18.58
CA ARG D 87 10.40 -13.21 -19.66
C ARG D 87 9.70 -14.45 -19.11
N SER D 88 9.51 -15.44 -19.99
CA SER D 88 8.69 -16.60 -19.64
C SER D 88 9.28 -17.39 -18.49
N ASP D 89 10.57 -17.66 -18.54
CA ASP D 89 11.21 -18.49 -17.51
C ASP D 89 11.47 -17.75 -16.20
N ASP D 90 11.05 -16.50 -16.09
CA ASP D 90 11.13 -15.77 -14.82
C ASP D 90 9.95 -16.06 -13.90
N THR D 91 8.96 -16.82 -14.37
CA THR D 91 7.83 -17.20 -13.53
C THR D 91 8.31 -18.15 -12.44
N ALA D 92 8.26 -17.69 -11.19
CA ALA D 92 8.76 -18.48 -10.07
C ALA D 92 8.24 -17.86 -8.78
N VAL D 93 8.43 -18.58 -7.68
CA VAL D 93 8.13 -18.08 -6.35
C VAL D 93 9.37 -17.36 -5.82
N TYR D 94 9.15 -16.23 -5.16
CA TYR D 94 10.23 -15.38 -4.67
C TYR D 94 10.15 -15.28 -3.15
N TYR D 95 11.24 -15.60 -2.48
CA TYR D 95 11.32 -15.61 -1.03
C TYR D 95 12.10 -14.40 -0.53
N CYS D 96 11.71 -13.90 0.64
CA CYS D 96 12.42 -12.84 1.35
C CYS D 96 12.98 -13.45 2.62
N ALA D 97 14.31 -13.52 2.72
CA ALA D 97 14.96 -14.21 3.82
C ALA D 97 15.98 -13.31 4.49
N ARG D 98 16.27 -13.61 5.76
CA ARG D 98 17.30 -12.91 6.52
C ARG D 98 18.63 -13.64 6.33
N VAL D 99 19.56 -13.00 5.64
CA VAL D 99 20.91 -13.53 5.48
C VAL D 99 21.82 -12.81 6.47
N ARG D 100 22.61 -13.59 7.22
CA ARG D 100 23.37 -13.04 8.32
C ARG D 100 24.54 -12.18 7.82
N THR D 101 25.18 -11.50 8.77
CA THR D 101 26.38 -10.73 8.51
C THR D 101 27.46 -11.18 9.49
N ALA D 102 28.71 -10.83 9.17
CA ALA D 102 29.83 -11.19 10.02
C ALA D 102 29.90 -10.37 11.29
N LEU D 103 28.95 -9.47 11.54
CA LEU D 103 28.94 -8.66 12.75
C LEU D 103 28.20 -9.35 13.89
N VAL D 104 26.99 -9.86 13.62
CA VAL D 104 26.17 -10.47 14.67
C VAL D 104 26.17 -11.98 14.49
N GLY D 105 26.39 -12.44 13.26
CA GLY D 105 26.35 -13.84 12.95
C GLY D 105 27.67 -14.52 13.20
N PRO D 106 27.63 -15.83 13.44
CA PRO D 106 28.88 -16.57 13.64
C PRO D 106 29.74 -16.64 12.39
N ARG D 107 29.13 -16.69 11.21
CA ARG D 107 29.89 -16.69 9.96
C ARG D 107 29.44 -15.54 9.07
N GLU D 108 29.66 -15.66 7.77
CA GLU D 108 29.35 -14.58 6.84
C GLU D 108 27.84 -14.41 6.66
N GLY D 109 27.28 -15.03 5.63
CA GLY D 109 25.88 -14.84 5.32
C GLY D 109 25.05 -16.10 5.26
N ILE D 110 24.32 -16.40 6.33
CA ILE D 110 23.49 -17.59 6.42
C ILE D 110 22.03 -17.16 6.48
N PHE D 111 21.17 -17.89 5.78
CA PHE D 111 19.73 -17.65 5.79
C PHE D 111 19.13 -18.43 6.97
N ASP D 112 18.80 -17.73 8.04
CA ASP D 112 18.23 -18.38 9.22
C ASP D 112 16.71 -18.41 9.19
N PHE D 113 16.08 -17.32 8.75
CA PHE D 113 14.63 -17.24 8.64
C PHE D 113 14.26 -16.84 7.22
N TRP D 114 13.19 -17.43 6.70
CA TRP D 114 12.74 -17.20 5.34
C TRP D 114 11.31 -16.68 5.35
N GLY D 115 10.89 -16.17 4.18
CA GLY D 115 9.54 -15.68 4.02
C GLY D 115 8.59 -16.75 3.50
N GLN D 116 7.29 -16.43 3.55
CA GLN D 116 6.29 -17.38 3.07
C GLN D 116 6.39 -17.59 1.57
N GLY D 117 6.88 -16.61 0.85
CA GLY D 117 7.01 -16.71 -0.60
C GLY D 117 5.84 -16.07 -1.32
N VAL D 118 6.13 -15.54 -2.51
CA VAL D 118 5.13 -14.89 -3.34
C VAL D 118 5.25 -15.43 -4.76
N LEU D 119 4.11 -15.70 -5.38
CA LEU D 119 4.08 -16.25 -6.73
C LEU D 119 4.04 -15.11 -7.74
N VAL D 120 4.99 -15.10 -8.66
CA VAL D 120 5.07 -14.11 -9.74
C VAL D 120 5.03 -14.88 -11.05
N THR D 121 3.96 -14.67 -11.83
CA THR D 121 3.76 -15.35 -13.09
C THR D 121 3.95 -14.36 -14.24
N VAL D 122 4.78 -14.74 -15.20
CA VAL D 122 5.05 -13.91 -16.38
C VAL D 122 4.47 -14.65 -17.58
N SER D 123 3.29 -14.21 -18.04
CA SER D 123 2.64 -14.84 -19.17
C SER D 123 1.87 -13.77 -19.95
N SER D 124 1.83 -13.94 -21.27
CA SER D 124 1.06 -13.04 -22.13
C SER D 124 -0.39 -13.46 -22.29
N ALA D 125 -0.77 -14.62 -21.74
CA ALA D 125 -2.14 -15.10 -21.87
C ALA D 125 -3.09 -14.27 -21.03
N SER D 126 -4.35 -14.26 -21.43
CA SER D 126 -5.42 -13.60 -20.70
C SER D 126 -6.19 -14.61 -19.86
N THR D 127 -6.92 -14.10 -18.88
CA THR D 127 -7.71 -14.97 -18.00
C THR D 127 -8.79 -15.68 -18.79
N LYS D 128 -8.78 -17.00 -18.75
CA LYS D 128 -9.74 -17.81 -19.48
C LYS D 128 -10.16 -19.00 -18.62
N GLY D 129 -11.46 -19.27 -18.59
CA GLY D 129 -11.99 -20.38 -17.86
C GLY D 129 -11.61 -21.71 -18.48
N PRO D 130 -11.80 -22.80 -17.74
CA PRO D 130 -11.41 -24.12 -18.23
C PRO D 130 -12.51 -24.80 -19.03
N SER D 131 -12.08 -25.80 -19.81
CA SER D 131 -12.98 -26.69 -20.54
C SER D 131 -12.82 -28.10 -19.98
N VAL D 132 -13.93 -28.68 -19.54
CA VAL D 132 -13.91 -29.97 -18.87
C VAL D 132 -14.37 -31.05 -19.85
N PHE D 133 -13.50 -32.04 -20.09
CA PHE D 133 -13.83 -33.16 -20.94
C PHE D 133 -13.72 -34.47 -20.16
N PRO D 134 -14.69 -35.37 -20.31
CA PRO D 134 -14.67 -36.60 -19.53
C PRO D 134 -13.70 -37.64 -20.09
N LEU D 135 -13.29 -38.54 -19.22
CA LEU D 135 -12.43 -39.68 -19.57
C LEU D 135 -13.26 -40.94 -19.34
N ALA D 136 -14.03 -41.33 -20.33
CA ALA D 136 -14.95 -42.44 -20.18
C ALA D 136 -14.19 -43.76 -20.14
N PRO D 137 -14.47 -44.65 -19.18
CA PRO D 137 -13.82 -45.97 -19.09
C PRO D 137 -14.21 -46.89 -20.24
N ALA D 147 -11.54 -50.54 -12.60
CA ALA D 147 -11.91 -49.55 -13.61
C ALA D 147 -11.41 -48.17 -13.21
N ALA D 148 -11.34 -47.26 -14.20
CA ALA D 148 -10.84 -45.92 -13.94
C ALA D 148 -11.59 -44.93 -14.83
N LEU D 149 -11.83 -43.74 -14.29
CA LEU D 149 -12.46 -42.66 -15.02
C LEU D 149 -11.92 -41.34 -14.49
N GLY D 150 -12.19 -40.27 -15.21
CA GLY D 150 -11.69 -38.98 -14.79
C GLY D 150 -12.19 -37.85 -15.67
N CYS D 151 -11.72 -36.65 -15.36
CA CYS D 151 -12.06 -35.44 -16.07
C CYS D 151 -10.79 -34.76 -16.57
N LEU D 152 -10.88 -34.11 -17.73
CA LEU D 152 -9.76 -33.41 -18.34
C LEU D 152 -10.04 -31.92 -18.31
N VAL D 153 -9.37 -31.21 -17.41
CA VAL D 153 -9.48 -29.75 -17.32
C VAL D 153 -8.43 -29.16 -18.25
N LYS D 154 -8.89 -28.51 -19.32
CA LYS D 154 -8.00 -28.06 -20.39
C LYS D 154 -8.21 -26.58 -20.66
N ASP D 155 -7.12 -25.91 -21.01
CA ASP D 155 -7.12 -24.53 -21.51
C ASP D 155 -7.73 -23.56 -20.50
N TYR D 156 -7.05 -23.42 -19.37
CA TYR D 156 -7.43 -22.47 -18.35
C TYR D 156 -6.22 -21.63 -17.96
N PHE D 157 -6.50 -20.42 -17.46
CA PHE D 157 -5.45 -19.52 -17.02
C PHE D 157 -6.06 -18.48 -16.10
N PRO D 158 -5.40 -18.12 -14.99
CA PRO D 158 -4.13 -18.72 -14.58
C PRO D 158 -4.29 -19.78 -13.50
N GLU D 159 -3.16 -20.23 -12.96
CA GLU D 159 -3.17 -21.11 -11.81
C GLU D 159 -3.88 -20.42 -10.64
N PRO D 160 -4.55 -21.18 -9.75
CA PRO D 160 -4.72 -22.63 -9.78
C PRO D 160 -6.10 -23.08 -10.24
N VAL D 161 -6.42 -24.34 -9.95
CA VAL D 161 -7.76 -24.87 -10.17
C VAL D 161 -7.94 -26.05 -9.23
N THR D 162 -9.12 -26.13 -8.63
CA THR D 162 -9.45 -27.19 -7.70
C THR D 162 -10.46 -28.14 -8.33
N VAL D 163 -10.32 -29.43 -8.05
CA VAL D 163 -11.24 -30.45 -8.54
C VAL D 163 -11.49 -31.46 -7.44
N SER D 164 -12.75 -31.73 -7.15
CA SER D 164 -13.16 -32.74 -6.19
C SER D 164 -14.20 -33.63 -6.84
N TRP D 165 -14.54 -34.73 -6.16
CA TRP D 165 -15.46 -35.72 -6.68
C TRP D 165 -16.61 -35.91 -5.70
N ASN D 166 -17.84 -35.87 -6.23
CA ASN D 166 -19.06 -36.01 -5.42
C ASN D 166 -19.10 -34.96 -4.31
N SER D 167 -18.62 -33.75 -4.63
CA SER D 167 -18.59 -32.64 -3.69
C SER D 167 -17.83 -32.99 -2.41
N GLY D 168 -16.82 -33.85 -2.53
CA GLY D 168 -16.00 -34.26 -1.40
C GLY D 168 -16.32 -35.64 -0.86
N ALA D 169 -17.41 -36.27 -1.30
CA ALA D 169 -17.79 -37.58 -0.79
C ALA D 169 -16.85 -38.69 -1.25
N LEU D 170 -15.99 -38.44 -2.23
CA LEU D 170 -15.08 -39.44 -2.76
C LEU D 170 -13.66 -38.89 -2.68
N THR D 171 -12.88 -39.40 -1.72
CA THR D 171 -11.50 -38.99 -1.55
C THR D 171 -10.52 -40.15 -1.63
N SER D 172 -11.00 -41.38 -1.82
CA SER D 172 -10.15 -42.55 -1.88
C SER D 172 -9.91 -42.94 -3.34
N GLY D 173 -8.65 -43.27 -3.65
CA GLY D 173 -8.30 -43.68 -5.00
C GLY D 173 -8.28 -42.58 -6.04
N VAL D 174 -8.57 -41.34 -5.66
CA VAL D 174 -8.60 -40.23 -6.60
C VAL D 174 -7.23 -39.59 -6.67
N HIS D 175 -6.78 -39.28 -7.89
CA HIS D 175 -5.52 -38.61 -8.14
C HIS D 175 -5.78 -37.36 -8.97
N THR D 176 -5.30 -36.22 -8.48
CA THR D 176 -5.37 -34.95 -9.21
C THR D 176 -3.95 -34.58 -9.62
N PHE D 177 -3.67 -34.64 -10.91
CA PHE D 177 -2.32 -34.43 -11.40
C PHE D 177 -1.98 -32.94 -11.42
N PRO D 178 -0.69 -32.60 -11.30
CA PRO D 178 -0.29 -31.20 -11.38
C PRO D 178 -0.61 -30.60 -12.73
N ALA D 179 -0.70 -29.27 -12.76
CA ALA D 179 -0.96 -28.57 -14.00
C ALA D 179 0.18 -28.75 -14.99
N VAL D 180 -0.12 -28.56 -16.26
CA VAL D 180 0.86 -28.67 -17.34
C VAL D 180 0.70 -27.46 -18.25
N LEU D 181 1.79 -26.73 -18.47
CA LEU D 181 1.75 -25.55 -19.32
C LEU D 181 1.90 -25.97 -20.78
N GLN D 182 0.85 -25.75 -21.57
CA GLN D 182 0.84 -26.15 -22.96
C GLN D 182 1.60 -25.13 -23.82
N SER D 183 1.76 -25.47 -25.10
CA SER D 183 2.46 -24.58 -26.02
C SER D 183 1.68 -23.29 -26.26
N SER D 184 0.35 -23.35 -26.16
CA SER D 184 -0.50 -22.19 -26.39
C SER D 184 -0.50 -21.21 -25.22
N GLY D 185 0.27 -21.48 -24.17
CA GLY D 185 0.28 -20.63 -23.00
C GLY D 185 -0.78 -20.93 -21.98
N LEU D 186 -1.76 -21.78 -22.31
CA LEU D 186 -2.81 -22.16 -21.38
C LEU D 186 -2.45 -23.45 -20.66
N TYR D 187 -2.97 -23.59 -19.45
CA TYR D 187 -2.68 -24.77 -18.63
C TYR D 187 -3.64 -25.90 -18.95
N SER D 188 -3.28 -27.10 -18.48
CA SER D 188 -4.09 -28.29 -18.64
C SER D 188 -3.85 -29.21 -17.47
N LEU D 189 -4.92 -29.76 -16.91
CA LEU D 189 -4.83 -30.57 -15.70
C LEU D 189 -5.76 -31.77 -15.82
N SER D 190 -5.33 -32.91 -15.26
CA SER D 190 -6.10 -34.13 -15.26
C SER D 190 -6.43 -34.54 -13.83
N SER D 191 -7.50 -35.33 -13.71
CA SER D 191 -7.93 -35.83 -12.40
C SER D 191 -8.69 -37.13 -12.61
N VAL D 192 -8.14 -38.23 -12.12
CA VAL D 192 -8.72 -39.56 -12.32
C VAL D 192 -9.04 -40.17 -10.97
N VAL D 193 -9.73 -41.31 -11.01
CA VAL D 193 -10.12 -42.04 -9.80
C VAL D 193 -10.36 -43.49 -10.19
N THR D 194 -9.84 -44.41 -9.37
CA THR D 194 -9.96 -45.83 -9.61
C THR D 194 -11.17 -46.37 -8.86
N VAL D 195 -12.10 -46.98 -9.60
CA VAL D 195 -13.30 -47.55 -9.00
C VAL D 195 -13.42 -49.00 -9.46
N PRO D 196 -14.13 -49.83 -8.71
CA PRO D 196 -14.31 -51.22 -9.12
C PRO D 196 -15.29 -51.36 -10.27
N SER D 197 -15.14 -52.44 -11.04
CA SER D 197 -16.00 -52.68 -12.19
C SER D 197 -17.44 -52.97 -11.78
N SER D 198 -17.67 -53.37 -10.52
CA SER D 198 -19.03 -53.69 -10.10
C SER D 198 -19.89 -52.45 -9.94
N SER D 199 -19.33 -51.40 -9.33
CA SER D 199 -20.08 -50.18 -9.07
C SER D 199 -19.98 -49.16 -10.21
N LEU D 200 -19.62 -49.61 -11.41
CA LEU D 200 -19.47 -48.68 -12.53
C LEU D 200 -20.83 -48.23 -13.06
N GLY D 201 -21.81 -49.12 -13.05
CA GLY D 201 -23.14 -48.78 -13.52
C GLY D 201 -24.13 -48.61 -12.40
N THR D 202 -23.64 -48.31 -11.20
CA THR D 202 -24.48 -48.15 -10.02
C THR D 202 -24.34 -46.79 -9.38
N GLN D 203 -23.12 -46.35 -9.10
CA GLN D 203 -22.87 -45.07 -8.45
C GLN D 203 -22.56 -44.00 -9.49
N THR D 204 -22.99 -42.78 -9.20
CA THR D 204 -22.75 -41.63 -10.06
C THR D 204 -21.48 -40.92 -9.62
N TYR D 205 -20.58 -40.67 -10.58
CA TYR D 205 -19.34 -39.97 -10.32
C TYR D 205 -19.35 -38.62 -11.05
N ILE D 206 -19.09 -37.55 -10.30
CA ILE D 206 -19.11 -36.19 -10.83
C ILE D 206 -17.88 -35.46 -10.33
N CYS D 207 -17.14 -34.85 -11.26
CA CYS D 207 -15.99 -34.03 -10.89
C CYS D 207 -16.42 -32.57 -10.76
N ASN D 208 -15.98 -31.92 -9.69
CA ASN D 208 -16.35 -30.53 -9.39
C ASN D 208 -15.14 -29.64 -9.67
N VAL D 209 -15.11 -29.06 -10.87
CA VAL D 209 -14.02 -28.19 -11.28
C VAL D 209 -14.38 -26.76 -10.93
N ASN D 210 -13.46 -26.06 -10.26
CA ASN D 210 -13.69 -24.69 -9.82
C ASN D 210 -12.45 -23.88 -10.14
N HIS D 211 -12.52 -23.03 -11.15
CA HIS D 211 -11.44 -22.12 -11.51
C HIS D 211 -11.78 -20.75 -10.93
N LYS D 212 -11.26 -20.46 -9.75
CA LYS D 212 -11.62 -19.23 -9.05
C LYS D 212 -11.20 -17.95 -9.77
N PRO D 213 -10.04 -17.86 -10.45
CA PRO D 213 -9.69 -16.61 -11.14
C PRO D 213 -10.76 -16.12 -12.11
N SER D 214 -11.53 -17.02 -12.72
CA SER D 214 -12.62 -16.64 -13.61
C SER D 214 -13.99 -16.88 -12.99
N ASN D 215 -14.05 -17.41 -11.77
CA ASN D 215 -15.30 -17.76 -11.09
C ASN D 215 -16.15 -18.69 -11.97
N THR D 216 -15.57 -19.84 -12.29
CA THR D 216 -16.20 -20.83 -13.14
C THR D 216 -16.28 -22.15 -12.38
N LYS D 217 -17.51 -22.61 -12.13
CA LYS D 217 -17.75 -23.88 -11.44
C LYS D 217 -18.44 -24.83 -12.39
N VAL D 218 -17.84 -26.00 -12.62
CA VAL D 218 -18.34 -26.97 -13.57
C VAL D 218 -18.46 -28.32 -12.89
N ASP D 219 -19.61 -28.97 -13.07
CA ASP D 219 -19.86 -30.33 -12.57
C ASP D 219 -20.09 -31.23 -13.77
N LYS D 220 -19.16 -32.16 -14.01
CA LYS D 220 -19.20 -33.05 -15.16
C LYS D 220 -19.46 -34.48 -14.70
N LYS D 221 -20.55 -35.07 -15.15
CA LYS D 221 -20.86 -36.46 -14.87
C LYS D 221 -20.12 -37.35 -15.85
N VAL D 222 -19.38 -38.33 -15.33
CA VAL D 222 -18.56 -39.22 -16.14
C VAL D 222 -19.28 -40.56 -16.27
N GLU D 223 -19.50 -40.98 -17.51
CA GLU D 223 -20.18 -42.23 -17.81
C GLU D 223 -19.39 -43.02 -18.85
N PRO D 224 -19.40 -44.35 -18.76
CA PRO D 224 -18.71 -45.17 -19.77
C PRO D 224 -19.39 -45.08 -21.12
N LYS D 225 -18.76 -45.71 -22.10
CA LYS D 225 -19.22 -45.69 -23.49
C LYS D 225 -19.41 -44.26 -24.01
N ILE E 2 31.39 -20.43 -9.32
CA ILE E 2 31.36 -21.07 -8.02
C ILE E 2 30.14 -21.99 -7.95
N GLN E 3 30.04 -22.89 -8.94
CA GLN E 3 28.91 -23.80 -9.02
C GLN E 3 29.02 -24.90 -7.99
N MET E 4 27.85 -25.33 -7.49
CA MET E 4 27.76 -26.42 -6.52
C MET E 4 27.09 -27.63 -7.17
N THR E 5 27.55 -28.81 -6.79
CA THR E 5 27.06 -30.06 -7.39
C THR E 5 26.85 -31.09 -6.29
N GLN E 6 25.61 -31.51 -6.11
CA GLN E 6 25.28 -32.58 -5.19
C GLN E 6 25.28 -33.91 -5.94
N SER E 7 25.95 -34.91 -5.37
CA SER E 7 26.08 -36.19 -6.08
C SER E 7 24.76 -36.96 -6.14
N PRO E 8 24.06 -37.23 -5.03
CA PRO E 8 22.80 -37.99 -5.13
C PRO E 8 21.67 -37.12 -5.65
N SER E 9 21.19 -37.44 -6.85
CA SER E 9 20.08 -36.70 -7.42
C SER E 9 18.78 -37.03 -6.70
N SER E 10 18.47 -38.32 -6.55
CA SER E 10 17.31 -38.78 -5.82
C SER E 10 17.73 -39.89 -4.86
N LEU E 11 17.16 -39.87 -3.66
CA LEU E 11 17.51 -40.84 -2.63
C LEU E 11 16.25 -41.53 -2.11
N SER E 12 16.33 -42.84 -1.94
CA SER E 12 15.21 -43.65 -1.48
C SER E 12 15.71 -44.56 -0.36
N ALA E 13 15.06 -44.48 0.80
CA ALA E 13 15.43 -45.31 1.94
C ALA E 13 14.23 -45.46 2.85
N SER E 14 14.30 -46.47 3.72
CA SER E 14 13.22 -46.77 4.63
C SER E 14 13.34 -45.95 5.92
N VAL E 15 12.32 -46.06 6.77
CA VAL E 15 12.30 -45.33 8.03
C VAL E 15 13.31 -45.96 8.98
N GLY E 16 14.12 -45.12 9.62
CA GLY E 16 15.14 -45.57 10.55
C GLY E 16 16.51 -45.77 9.95
N ASP E 17 16.64 -45.71 8.63
CA ASP E 17 17.93 -45.89 7.99
C ASP E 17 18.81 -44.66 8.19
N ARG E 18 20.11 -44.85 7.98
CA ARG E 18 21.08 -43.76 8.03
C ARG E 18 21.55 -43.48 6.61
N VAL E 19 21.37 -42.24 6.17
CA VAL E 19 21.71 -41.84 4.82
C VAL E 19 22.59 -40.60 4.86
N SER E 20 23.28 -40.35 3.75
CA SER E 20 24.17 -39.21 3.62
C SER E 20 24.04 -38.62 2.22
N ILE E 21 24.14 -37.30 2.13
CA ILE E 21 24.00 -36.57 0.88
C ILE E 21 25.29 -35.81 0.62
N THR E 22 25.82 -35.94 -0.59
CA THR E 22 27.08 -35.31 -0.96
C THR E 22 26.83 -33.91 -1.53
N CYS E 23 27.80 -33.03 -1.33
CA CYS E 23 27.76 -31.68 -1.89
C CYS E 23 29.19 -31.28 -2.24
N ARG E 24 29.46 -31.12 -3.54
CA ARG E 24 30.79 -30.84 -4.03
C ARG E 24 30.85 -29.42 -4.60
N ALA E 25 31.91 -28.70 -4.26
CA ALA E 25 32.11 -27.34 -4.73
C ALA E 25 33.04 -27.32 -5.94
N SER E 26 32.87 -26.30 -6.78
CA SER E 26 33.70 -26.17 -7.98
C SER E 26 35.14 -25.88 -7.62
N GLN E 27 35.39 -24.80 -6.90
CA GLN E 27 36.71 -24.45 -6.41
C GLN E 27 36.76 -24.57 -4.89
N THR E 28 37.97 -24.50 -4.35
CA THR E 28 38.19 -24.75 -2.94
C THR E 28 37.45 -23.73 -2.09
N ILE E 29 36.94 -24.19 -0.94
CA ILE E 29 36.17 -23.34 -0.02
C ILE E 29 36.40 -23.85 1.39
N SER E 30 36.18 -22.98 2.36
CA SER E 30 36.39 -23.33 3.77
C SER E 30 35.14 -24.00 4.33
N THR E 31 35.08 -24.14 5.66
CA THR E 31 33.94 -24.78 6.30
C THR E 31 32.79 -23.80 6.46
N TYR E 32 32.43 -23.11 5.37
CA TYR E 32 31.35 -22.12 5.38
C TYR E 32 30.15 -22.58 4.56
N LEU E 33 29.92 -23.89 4.51
CA LEU E 33 28.78 -24.44 3.77
C LEU E 33 27.59 -24.58 4.69
N ALA E 34 26.39 -24.38 4.13
CA ALA E 34 25.15 -24.43 4.88
C ALA E 34 24.19 -25.40 4.23
N TRP E 35 23.50 -26.20 5.05
CA TRP E 35 22.49 -27.13 4.57
C TRP E 35 21.10 -26.59 4.89
N TYR E 36 20.14 -26.96 4.05
CA TYR E 36 18.75 -26.56 4.23
C TYR E 36 17.84 -27.73 3.89
N GLN E 37 16.59 -27.62 4.33
CA GLN E 37 15.55 -28.60 4.04
C GLN E 37 14.32 -27.88 3.53
N GLN E 38 13.70 -28.42 2.48
CA GLN E 38 12.49 -27.85 1.92
C GLN E 38 11.51 -28.97 1.64
N LYS E 39 10.32 -28.86 2.22
CA LYS E 39 9.22 -29.75 1.91
C LYS E 39 8.42 -29.20 0.73
N PRO E 40 7.84 -30.05 -0.10
CA PRO E 40 7.12 -29.57 -1.28
C PRO E 40 5.92 -28.72 -0.89
N GLY E 41 5.99 -27.44 -1.25
CA GLY E 41 4.91 -26.51 -0.99
C GLY E 41 5.04 -25.70 0.28
N LYS E 42 6.17 -25.79 0.97
CA LYS E 42 6.38 -25.08 2.22
C LYS E 42 7.68 -24.29 2.15
N VAL E 43 7.99 -23.59 3.24
CA VAL E 43 9.11 -22.66 3.32
C VAL E 43 10.37 -23.42 3.71
N PRO E 44 11.52 -23.13 3.11
CA PRO E 44 12.76 -23.81 3.51
C PRO E 44 13.13 -23.52 4.95
N LYS E 45 13.89 -24.44 5.54
CA LYS E 45 14.33 -24.35 6.92
C LYS E 45 15.83 -24.58 6.98
N LEU E 46 16.50 -23.84 7.87
CA LEU E 46 17.94 -23.97 8.05
C LEU E 46 18.24 -25.08 9.03
N LEU E 47 19.21 -25.92 8.68
CA LEU E 47 19.62 -27.05 9.52
C LEU E 47 21.06 -26.88 10.01
N ILE E 48 22.02 -26.77 9.09
CA ILE E 48 23.43 -26.60 9.43
C ILE E 48 23.95 -25.39 8.67
N TYR E 49 24.73 -24.55 9.34
CA TYR E 49 25.16 -23.29 8.76
C TYR E 49 26.66 -23.18 8.55
N THR E 50 27.48 -23.81 9.38
CA THR E 50 28.93 -23.77 9.23
C THR E 50 29.50 -25.15 8.86
N ALA E 51 28.71 -25.95 8.15
CA ALA E 51 29.05 -27.30 7.72
C ALA E 51 29.33 -28.25 8.88
N SER E 52 28.98 -27.86 10.11
CA SER E 52 29.22 -28.69 11.28
C SER E 52 28.19 -28.40 12.37
N THR E 53 28.21 -27.18 12.91
CA THR E 53 27.29 -26.82 13.97
C THR E 53 25.89 -26.61 13.40
N LEU E 54 24.91 -27.29 13.98
CA LEU E 54 23.54 -27.21 13.50
C LEU E 54 22.79 -26.06 14.17
N GLU E 55 21.68 -25.67 13.55
CA GLU E 55 20.88 -24.56 14.05
C GLU E 55 20.19 -24.95 15.36
N THR E 56 20.11 -23.97 16.27
CA THR E 56 19.45 -24.18 17.56
C THR E 56 17.99 -24.56 17.36
N GLY E 57 17.64 -25.81 17.69
CA GLY E 57 16.31 -26.34 17.48
C GLY E 57 16.26 -27.52 16.52
N VAL E 58 17.26 -27.66 15.65
CA VAL E 58 17.31 -28.79 14.74
C VAL E 58 17.61 -30.07 15.53
N PRO E 59 16.88 -31.16 15.30
CA PRO E 59 17.14 -32.39 16.05
C PRO E 59 18.58 -32.86 15.91
N SER E 60 19.10 -33.45 16.98
CA SER E 60 20.49 -33.89 17.02
C SER E 60 20.78 -35.04 16.06
N ARG E 61 19.75 -35.64 15.46
CA ARG E 61 19.98 -36.71 14.50
C ARG E 61 20.55 -36.20 13.19
N PHE E 62 20.44 -34.90 12.93
CA PHE E 62 20.99 -34.29 11.71
C PHE E 62 22.43 -33.88 11.98
N SER E 63 23.36 -34.53 11.29
CA SER E 63 24.78 -34.25 11.45
C SER E 63 25.36 -33.71 10.15
N GLY E 64 26.49 -33.02 10.26
CA GLY E 64 27.14 -32.44 9.11
C GLY E 64 28.65 -32.46 9.19
N SER E 65 29.30 -33.02 8.18
CA SER E 65 30.75 -33.11 8.16
C SER E 65 31.31 -32.65 6.82
N GLY E 66 32.59 -32.84 6.61
CA GLY E 66 33.22 -32.44 5.35
C GLY E 66 33.84 -31.06 5.42
N SER E 67 34.87 -30.87 4.60
CA SER E 67 35.57 -29.60 4.54
C SER E 67 36.38 -29.55 3.26
N GLY E 68 36.63 -28.34 2.78
CA GLY E 68 37.42 -28.15 1.56
C GLY E 68 36.55 -28.18 0.31
N THR E 69 36.66 -29.27 -0.47
CA THR E 69 35.94 -29.39 -1.73
C THR E 69 34.62 -30.14 -1.56
N GLU E 70 34.64 -31.26 -0.83
CA GLU E 70 33.47 -32.12 -0.68
C GLU E 70 32.92 -32.02 0.73
N PHE E 71 31.59 -31.91 0.83
CA PHE E 71 30.89 -31.87 2.10
C PHE E 71 29.82 -32.96 2.11
N THR E 72 29.34 -33.29 3.31
CA THR E 72 28.35 -34.34 3.47
C THR E 72 27.32 -33.95 4.52
N LEU E 73 26.14 -34.55 4.41
CA LEU E 73 25.04 -34.34 5.35
C LEU E 73 24.51 -35.71 5.78
N THR E 74 24.77 -36.09 7.01
CA THR E 74 24.40 -37.41 7.52
C THR E 74 23.14 -37.32 8.36
N ILE E 75 22.23 -38.27 8.15
CA ILE E 75 20.98 -38.37 8.89
C ILE E 75 20.98 -39.72 9.58
N SER E 76 21.01 -39.72 10.92
CA SER E 76 21.14 -40.97 11.65
C SER E 76 19.83 -41.75 11.66
N SER E 77 18.71 -41.07 11.86
CA SER E 77 17.41 -41.72 11.89
C SER E 77 16.48 -41.01 10.91
N LEU E 78 15.77 -41.80 10.09
CA LEU E 78 14.88 -41.26 9.07
C LEU E 78 13.45 -41.31 9.58
N GLN E 79 13.08 -40.31 10.37
CA GLN E 79 11.70 -40.16 10.80
C GLN E 79 10.85 -39.64 9.63
N PRO E 80 9.54 -39.88 9.67
CA PRO E 80 8.68 -39.38 8.59
C PRO E 80 8.79 -37.90 8.34
N GLU E 81 9.09 -37.11 9.38
CA GLU E 81 9.24 -35.66 9.23
C GLU E 81 10.52 -35.27 8.51
N ASP E 82 11.27 -36.21 7.93
CA ASP E 82 12.52 -35.90 7.26
C ASP E 82 12.49 -36.14 5.76
N PHE E 83 11.42 -36.73 5.22
CA PHE E 83 11.32 -36.99 3.79
C PHE E 83 10.99 -35.68 3.08
N ALA E 84 12.02 -35.03 2.55
CA ALA E 84 11.87 -33.77 1.83
C ALA E 84 13.13 -33.54 1.01
N THR E 85 13.22 -32.37 0.38
CA THR E 85 14.38 -32.00 -0.40
C THR E 85 15.39 -31.28 0.49
N TYR E 86 16.67 -31.47 0.18
CA TYR E 86 17.76 -30.89 0.96
C TYR E 86 18.73 -30.19 0.02
N TYR E 87 18.96 -28.90 0.26
CA TYR E 87 19.86 -28.09 -0.53
C TYR E 87 21.08 -27.70 0.30
N CYS E 88 22.23 -27.62 -0.35
CA CYS E 88 23.45 -27.15 0.29
C CYS E 88 23.86 -25.82 -0.32
N GLN E 89 24.31 -24.90 0.52
CA GLN E 89 24.68 -23.56 0.11
C GLN E 89 26.02 -23.17 0.73
N GLN E 90 26.88 -22.56 -0.07
CA GLN E 90 28.11 -21.96 0.42
C GLN E 90 27.89 -20.47 0.66
N HIS E 91 28.63 -19.91 1.62
CA HIS E 91 28.50 -18.50 1.92
C HIS E 91 29.84 -17.87 2.30
N ASP E 92 30.94 -18.44 1.79
CA ASP E 92 32.25 -17.85 2.07
C ASP E 92 32.45 -16.55 1.29
N SER E 93 32.06 -16.53 0.02
CA SER E 93 32.23 -15.36 -0.82
C SER E 93 31.05 -15.23 -1.77
N HIS E 94 30.95 -14.06 -2.40
CA HIS E 94 29.90 -13.79 -3.36
C HIS E 94 30.30 -14.30 -4.74
N PRO E 95 29.32 -14.73 -5.56
CA PRO E 95 27.89 -14.79 -5.20
C PRO E 95 27.53 -16.08 -4.49
N TYR E 96 26.59 -16.02 -3.56
CA TYR E 96 26.08 -17.23 -2.93
C TYR E 96 25.44 -18.11 -3.99
N SER E 97 25.45 -19.42 -3.74
CA SER E 97 24.91 -20.36 -4.70
C SER E 97 24.48 -21.63 -3.98
N PHE E 98 23.36 -22.20 -4.43
CA PHE E 98 22.85 -23.46 -3.91
C PHE E 98 23.21 -24.59 -4.86
N GLY E 99 22.85 -25.82 -4.47
CA GLY E 99 23.00 -26.98 -5.31
C GLY E 99 21.65 -27.48 -5.79
N GLN E 100 21.70 -28.41 -6.75
CA GLN E 100 20.48 -29.05 -7.20
C GLN E 100 19.92 -29.93 -6.08
N GLY E 101 18.65 -29.71 -5.76
CA GLY E 101 18.08 -30.33 -4.57
C GLY E 101 18.11 -31.85 -4.64
N THR E 102 18.25 -32.45 -3.47
CA THR E 102 18.25 -33.91 -3.32
C THR E 102 16.94 -34.31 -2.64
N LYS E 103 16.06 -34.96 -3.40
CA LYS E 103 14.80 -35.44 -2.85
C LYS E 103 15.00 -36.80 -2.19
N VAL E 104 14.63 -36.89 -0.93
CA VAL E 104 14.74 -38.13 -0.16
C VAL E 104 13.34 -38.77 -0.15
N GLU E 105 13.17 -39.80 -0.97
CA GLU E 105 11.87 -40.44 -1.15
C GLU E 105 11.76 -41.67 -0.25
N ILE E 106 10.53 -42.19 -0.17
CA ILE E 106 10.23 -43.35 0.67
C ILE E 106 10.44 -44.61 -0.15
N LYS E 107 11.08 -45.61 0.45
CA LYS E 107 11.30 -46.90 -0.19
C LYS E 107 10.18 -47.86 0.16
N ARG E 108 9.78 -48.68 -0.81
CA ARG E 108 8.75 -49.69 -0.60
C ARG E 108 9.00 -50.84 -1.58
N THR E 109 8.11 -51.82 -1.54
CA THR E 109 8.18 -52.92 -2.48
C THR E 109 7.88 -52.43 -3.90
N VAL E 110 8.50 -53.08 -4.88
CA VAL E 110 8.29 -52.71 -6.27
C VAL E 110 6.86 -53.02 -6.67
N ALA E 111 6.18 -52.05 -7.26
CA ALA E 111 4.78 -52.17 -7.64
C ALA E 111 4.62 -51.95 -9.13
N ALA E 112 3.82 -52.80 -9.76
CA ALA E 112 3.56 -52.67 -11.20
C ALA E 112 2.45 -51.65 -11.44
N PRO E 113 2.57 -50.83 -12.49
CA PRO E 113 1.54 -49.83 -12.76
C PRO E 113 0.32 -50.42 -13.45
N SER E 114 -0.81 -49.75 -13.26
CA SER E 114 -2.05 -50.09 -13.93
C SER E 114 -2.27 -49.09 -15.06
N VAL E 115 -2.26 -49.60 -16.30
CA VAL E 115 -2.28 -48.76 -17.49
C VAL E 115 -3.71 -48.67 -18.02
N PHE E 116 -4.25 -47.46 -18.07
CA PHE E 116 -5.54 -47.18 -18.69
C PHE E 116 -5.35 -46.09 -19.74
N ILE E 117 -6.07 -46.24 -20.86
CA ILE E 117 -6.02 -45.28 -21.95
C ILE E 117 -7.42 -44.76 -22.21
N PHE E 118 -7.53 -43.46 -22.46
CA PHE E 118 -8.82 -42.80 -22.65
C PHE E 118 -8.86 -42.11 -24.00
N PRO E 119 -9.79 -42.46 -24.88
CA PRO E 119 -9.92 -41.75 -26.16
C PRO E 119 -10.44 -40.35 -25.94
N PRO E 120 -10.23 -39.44 -26.89
CA PRO E 120 -10.74 -38.08 -26.74
C PRO E 120 -12.26 -38.04 -26.76
N SER E 121 -12.81 -37.12 -25.98
CA SER E 121 -14.26 -37.00 -25.86
C SER E 121 -14.85 -36.37 -27.13
N ASP E 122 -16.08 -36.77 -27.44
CA ASP E 122 -16.76 -36.19 -28.58
C ASP E 122 -17.06 -34.71 -28.37
N GLU E 123 -17.20 -34.28 -27.12
CA GLU E 123 -17.38 -32.85 -26.84
C GLU E 123 -16.14 -32.06 -27.24
N GLN E 124 -14.95 -32.63 -27.04
CA GLN E 124 -13.73 -31.95 -27.43
C GLN E 124 -13.50 -32.00 -28.93
N LEU E 125 -13.92 -33.08 -29.58
CA LEU E 125 -13.75 -33.20 -31.03
C LEU E 125 -14.53 -32.12 -31.77
N LYS E 126 -15.63 -31.63 -31.18
CA LYS E 126 -16.40 -30.57 -31.80
C LYS E 126 -15.69 -29.21 -31.76
N SER E 127 -14.62 -29.08 -30.98
CA SER E 127 -13.89 -27.84 -30.87
C SER E 127 -12.68 -27.77 -31.80
N GLY E 128 -12.36 -28.85 -32.50
CA GLY E 128 -11.26 -28.86 -33.44
C GLY E 128 -9.99 -29.51 -32.94
N THR E 129 -9.95 -29.94 -31.69
CA THR E 129 -8.76 -30.56 -31.12
C THR E 129 -9.13 -31.89 -30.47
N ALA E 130 -8.12 -32.74 -30.30
CA ALA E 130 -8.29 -34.05 -29.69
C ALA E 130 -7.19 -34.27 -28.67
N SER E 131 -7.52 -35.01 -27.61
CA SER E 131 -6.57 -35.29 -26.53
C SER E 131 -6.72 -36.73 -26.10
N VAL E 132 -5.66 -37.51 -26.27
CA VAL E 132 -5.63 -38.91 -25.84
C VAL E 132 -4.82 -39.00 -24.56
N VAL E 133 -5.38 -39.67 -23.55
CA VAL E 133 -4.78 -39.74 -22.22
C VAL E 133 -4.43 -41.18 -21.92
N CYS E 134 -3.25 -41.38 -21.33
CA CYS E 134 -2.80 -42.69 -20.87
C CYS E 134 -2.41 -42.58 -19.41
N LEU E 135 -3.08 -43.35 -18.56
CA LEU E 135 -2.93 -43.24 -17.11
C LEU E 135 -2.06 -44.39 -16.57
N LEU E 136 -1.14 -44.05 -15.69
CA LEU E 136 -0.34 -45.01 -14.94
C LEU E 136 -0.61 -44.78 -13.46
N ASN E 137 -1.33 -45.71 -12.83
CA ASN E 137 -1.87 -45.51 -11.50
C ASN E 137 -1.13 -46.37 -10.49
N ASN E 138 -0.54 -45.73 -9.48
CA ASN E 138 0.06 -46.38 -8.33
C ASN E 138 1.19 -47.34 -8.71
N PHE E 139 2.43 -46.86 -8.67
CA PHE E 139 3.58 -47.68 -9.00
C PHE E 139 4.81 -47.14 -8.27
N TYR E 140 5.89 -47.92 -8.33
CA TYR E 140 7.15 -47.55 -7.69
C TYR E 140 8.26 -48.34 -8.36
N PRO E 141 9.41 -47.73 -8.67
CA PRO E 141 9.76 -46.33 -8.38
C PRO E 141 9.15 -45.33 -9.36
N ARG E 142 9.51 -44.06 -9.20
CA ARG E 142 9.00 -43.01 -10.07
C ARG E 142 9.43 -43.17 -11.52
N GLU E 143 10.53 -43.88 -11.77
CA GLU E 143 11.03 -44.04 -13.13
C GLU E 143 10.05 -44.84 -13.97
N ALA E 144 9.49 -44.19 -14.99
CA ALA E 144 8.61 -44.83 -15.95
C ALA E 144 9.04 -44.44 -17.36
N LYS E 145 8.43 -45.08 -18.35
CA LYS E 145 8.79 -44.84 -19.75
C LYS E 145 7.53 -45.05 -20.59
N VAL E 146 6.89 -43.95 -20.97
CA VAL E 146 5.64 -43.97 -21.72
C VAL E 146 5.93 -43.57 -23.17
N GLN E 147 5.52 -44.41 -24.10
CA GLN E 147 5.71 -44.16 -25.53
C GLN E 147 4.38 -44.30 -26.25
N TRP E 148 4.06 -43.32 -27.10
CA TRP E 148 2.82 -43.31 -27.85
C TRP E 148 3.04 -43.88 -29.25
N LYS E 149 2.01 -44.56 -29.76
CA LYS E 149 2.04 -45.11 -31.11
C LYS E 149 0.66 -44.94 -31.74
N VAL E 150 0.63 -44.37 -32.94
CA VAL E 150 -0.60 -44.17 -33.69
C VAL E 150 -0.40 -44.83 -35.05
N ASP E 151 -1.18 -45.88 -35.31
CA ASP E 151 -0.97 -46.74 -36.49
C ASP E 151 0.46 -47.28 -36.53
N ASN E 152 0.97 -47.65 -35.35
CA ASN E 152 2.34 -48.12 -35.19
C ASN E 152 3.35 -47.11 -35.71
N ALA E 153 3.14 -45.84 -35.35
CA ALA E 153 4.06 -44.76 -35.67
C ALA E 153 4.42 -44.04 -34.38
N LEU E 154 5.72 -43.91 -34.12
CA LEU E 154 6.18 -43.29 -32.88
C LEU E 154 5.77 -41.83 -32.82
N GLN E 155 5.30 -41.40 -31.66
CA GLN E 155 4.89 -40.03 -31.41
C GLN E 155 5.88 -39.39 -30.46
N SER E 156 6.55 -38.33 -30.91
CA SER E 156 7.56 -37.65 -30.11
C SER E 156 7.41 -36.15 -30.27
N GLY E 157 7.39 -35.44 -29.15
CA GLY E 157 7.29 -33.99 -29.15
C GLY E 157 5.89 -33.42 -29.02
N ASN E 158 4.87 -34.27 -28.93
CA ASN E 158 3.49 -33.82 -28.83
C ASN E 158 2.78 -34.35 -27.59
N SER E 159 3.50 -35.02 -26.69
CA SER E 159 2.95 -35.51 -25.44
C SER E 159 3.54 -34.74 -24.27
N GLN E 160 2.78 -34.67 -23.19
CA GLN E 160 3.20 -33.98 -21.97
C GLN E 160 2.82 -34.82 -20.77
N GLU E 161 3.80 -35.11 -19.93
CA GLU E 161 3.60 -35.94 -18.74
C GLU E 161 3.53 -35.06 -17.49
N SER E 162 2.92 -35.63 -16.45
CA SER E 162 2.79 -34.93 -15.16
C SER E 162 2.69 -35.99 -14.08
N VAL E 163 3.74 -36.12 -13.26
CA VAL E 163 3.79 -37.10 -12.19
C VAL E 163 3.36 -36.45 -10.89
N THR E 164 2.60 -37.18 -10.09
CA THR E 164 2.18 -36.68 -8.79
C THR E 164 3.26 -36.96 -7.74
N GLU E 165 3.09 -36.35 -6.57
CA GLU E 165 3.98 -36.63 -5.46
C GLU E 165 3.67 -38.02 -4.89
N GLN E 166 4.59 -38.50 -4.07
CA GLN E 166 4.41 -39.80 -3.44
C GLN E 166 3.19 -39.77 -2.52
N ASP E 167 2.31 -40.74 -2.68
CA ASP E 167 1.06 -40.77 -1.93
C ASP E 167 1.34 -41.01 -0.44
N SER E 168 0.40 -40.58 0.39
CA SER E 168 0.53 -40.69 1.83
C SER E 168 0.02 -42.02 2.37
N LYS E 169 -0.69 -42.81 1.57
CA LYS E 169 -1.24 -44.09 2.01
C LYS E 169 -0.38 -45.27 1.59
N ASP E 170 -0.02 -45.35 0.31
CA ASP E 170 0.77 -46.46 -0.20
C ASP E 170 2.15 -46.05 -0.69
N SER E 171 2.49 -44.76 -0.62
CA SER E 171 3.81 -44.27 -1.05
C SER E 171 4.11 -44.63 -2.50
N THR E 172 3.12 -44.46 -3.37
CA THR E 172 3.25 -44.76 -4.79
C THR E 172 3.06 -43.49 -5.62
N TYR E 173 3.61 -43.50 -6.82
CA TYR E 173 3.51 -42.39 -7.74
C TYR E 173 2.37 -42.63 -8.72
N SER E 174 2.12 -41.63 -9.57
CA SER E 174 1.11 -41.72 -10.61
C SER E 174 1.49 -40.78 -11.75
N LEU E 175 1.22 -41.21 -12.98
CA LEU E 175 1.61 -40.47 -14.17
C LEU E 175 0.46 -40.46 -15.16
N SER E 176 0.34 -39.36 -15.90
CA SER E 176 -0.71 -39.21 -16.91
C SER E 176 -0.11 -38.49 -18.11
N SER E 177 -0.04 -39.19 -19.25
CA SER E 177 0.51 -38.64 -20.47
C SER E 177 -0.62 -38.22 -21.41
N THR E 178 -0.56 -36.97 -21.88
CA THR E 178 -1.60 -36.40 -22.73
C THR E 178 -1.03 -36.20 -24.13
N LEU E 179 -1.56 -36.94 -25.10
CA LEU E 179 -1.19 -36.81 -26.49
C LEU E 179 -2.16 -35.85 -27.16
N THR E 180 -1.69 -34.66 -27.51
CA THR E 180 -2.53 -33.63 -28.11
C THR E 180 -2.45 -33.73 -29.62
N LEU E 181 -3.57 -34.08 -30.25
CA LEU E 181 -3.68 -34.18 -31.69
C LEU E 181 -4.79 -33.26 -32.19
N SER E 182 -4.70 -32.91 -33.47
CA SER E 182 -5.76 -32.13 -34.10
C SER E 182 -6.94 -33.03 -34.46
N LYS E 183 -8.11 -32.41 -34.63
CA LYS E 183 -9.28 -33.17 -35.02
C LYS E 183 -9.08 -33.83 -36.38
N ALA E 184 -8.41 -33.14 -37.30
CA ALA E 184 -8.18 -33.68 -38.63
C ALA E 184 -7.31 -34.93 -38.57
N ASP E 185 -6.11 -34.80 -37.98
CA ASP E 185 -5.19 -35.93 -37.93
C ASP E 185 -5.73 -37.07 -37.07
N TYR E 186 -6.60 -36.76 -36.10
CA TYR E 186 -7.14 -37.82 -35.25
C TYR E 186 -8.03 -38.76 -36.05
N GLU E 187 -8.87 -38.22 -36.92
CA GLU E 187 -9.77 -39.05 -37.73
C GLU E 187 -9.04 -39.75 -38.88
N LYS E 188 -7.79 -39.39 -39.14
CA LYS E 188 -7.05 -40.01 -40.25
C LYS E 188 -6.55 -41.40 -39.90
N HIS E 189 -6.25 -41.65 -38.63
CA HIS E 189 -5.68 -42.93 -38.20
C HIS E 189 -6.66 -43.65 -37.27
N LYS E 190 -6.53 -44.97 -37.22
CA LYS E 190 -7.50 -45.82 -36.56
C LYS E 190 -7.04 -46.29 -35.18
N VAL E 191 -5.92 -47.01 -35.10
CA VAL E 191 -5.49 -47.62 -33.85
C VAL E 191 -4.59 -46.65 -33.10
N TYR E 192 -4.87 -46.45 -31.82
CA TYR E 192 -4.07 -45.63 -30.92
C TYR E 192 -3.61 -46.48 -29.75
N ALA E 193 -2.30 -46.52 -29.52
CA ALA E 193 -1.73 -47.40 -28.52
C ALA E 193 -0.89 -46.60 -27.52
N CYS E 194 -0.72 -47.18 -26.34
CA CYS E 194 0.12 -46.60 -25.29
C CYS E 194 0.98 -47.71 -24.72
N GLU E 195 2.29 -47.65 -24.99
CA GLU E 195 3.24 -48.65 -24.50
C GLU E 195 3.94 -48.10 -23.26
N VAL E 196 3.99 -48.92 -22.21
CA VAL E 196 4.50 -48.51 -20.90
C VAL E 196 5.64 -49.44 -20.52
N THR E 197 6.74 -48.86 -20.05
CA THR E 197 7.89 -49.61 -19.56
C THR E 197 8.13 -49.25 -18.10
N HIS E 198 8.22 -50.28 -17.24
CA HIS E 198 8.42 -50.05 -15.83
C HIS E 198 9.15 -51.25 -15.23
N GLN E 199 9.73 -51.03 -14.04
CA GLN E 199 10.47 -52.08 -13.36
C GLN E 199 9.53 -53.18 -12.86
N GLY E 200 8.40 -52.79 -12.27
CA GLY E 200 7.46 -53.76 -11.73
C GLY E 200 6.81 -54.64 -12.78
N LEU E 201 6.84 -54.21 -14.05
CA LEU E 201 6.30 -55.01 -15.14
C LEU E 201 7.42 -55.85 -15.76
N SER E 202 7.20 -57.16 -15.82
CA SER E 202 8.15 -58.06 -16.46
C SER E 202 8.12 -57.99 -17.97
N SER E 203 7.20 -57.21 -18.54
CA SER E 203 7.11 -57.02 -19.98
C SER E 203 6.41 -55.70 -20.26
N PRO E 204 6.81 -54.98 -21.31
CA PRO E 204 6.14 -53.71 -21.62
C PRO E 204 4.67 -53.89 -21.97
N VAL E 205 3.79 -53.59 -21.00
CA VAL E 205 2.35 -53.70 -21.23
C VAL E 205 1.90 -52.58 -22.14
N THR E 206 1.07 -52.92 -23.12
CA THR E 206 0.54 -51.96 -24.09
C THR E 206 -0.97 -51.98 -24.06
N LYS E 207 -1.58 -50.80 -23.94
CA LYS E 207 -3.03 -50.63 -23.95
C LYS E 207 -3.40 -49.79 -25.17
N SER E 208 -4.21 -50.37 -26.05
CA SER E 208 -4.58 -49.71 -27.30
C SER E 208 -6.09 -49.74 -27.48
N PHE E 209 -6.56 -49.03 -28.50
CA PHE E 209 -7.97 -48.98 -28.84
C PHE E 209 -8.11 -48.53 -30.29
N ASN E 210 -9.33 -48.65 -30.81
CA ASN E 210 -9.67 -48.21 -32.15
C ASN E 210 -10.88 -47.28 -32.10
N ARG E 211 -10.96 -46.39 -33.07
CA ARG E 211 -12.07 -45.43 -33.13
C ARG E 211 -13.35 -46.17 -33.48
N GLY E 212 -14.18 -46.41 -32.48
CA GLY E 212 -15.44 -47.11 -32.67
C GLY E 212 -16.03 -47.66 -31.39
N HIS F 10 22.84 -7.15 24.52
CA HIS F 10 24.30 -7.03 24.51
C HIS F 10 24.79 -6.38 23.22
N ILE F 11 24.19 -6.76 22.10
CA ILE F 11 24.61 -6.22 20.81
C ILE F 11 24.28 -4.74 20.68
N ASN F 12 23.35 -4.23 21.48
CA ASN F 12 22.98 -2.81 21.41
C ASN F 12 24.08 -1.89 21.90
N ARG F 13 25.16 -2.43 22.47
CA ARG F 13 26.28 -1.63 22.96
C ARG F 13 27.35 -1.40 21.91
N THR F 14 26.96 -1.28 20.63
CA THR F 14 27.90 -1.06 19.54
C THR F 14 27.55 0.22 18.81
N ALA F 15 28.58 1.02 18.51
CA ALA F 15 28.38 2.27 17.79
C ALA F 15 28.15 1.99 16.32
N LEU F 16 27.03 2.50 15.78
CA LEU F 16 26.67 2.29 14.39
C LEU F 16 26.50 3.61 13.65
N ASN F 17 27.27 4.63 14.04
CA ASN F 17 27.21 5.94 13.39
C ASN F 17 28.13 5.90 12.17
N CYS F 18 27.62 5.32 11.09
CA CYS F 18 28.37 5.12 9.87
C CYS F 18 27.76 5.97 8.75
N ASN F 19 28.53 6.91 8.22
CA ASN F 19 28.09 7.79 7.13
C ASN F 19 29.21 7.81 6.09
N ASP F 20 29.15 6.89 5.14
CA ASP F 20 30.15 6.79 4.08
C ASP F 20 29.91 7.92 3.08
N SER F 21 30.39 9.11 3.44
CA SER F 21 30.22 10.28 2.58
C SER F 21 31.24 10.29 1.44
N LEU F 22 32.39 9.66 1.62
CA LEU F 22 33.43 9.62 0.59
C LEU F 22 33.22 8.50 -0.41
N GLN F 23 32.15 7.72 -0.27
CA GLN F 23 31.82 6.62 -1.20
C GLN F 23 32.95 5.60 -1.30
N THR F 24 33.71 5.41 -0.21
CA THR F 24 34.79 4.44 -0.22
C THR F 24 34.30 3.02 0.04
N GLY F 25 33.11 2.86 0.59
CA GLY F 25 32.53 1.54 0.80
C GLY F 25 33.28 0.70 1.81
N PHE F 26 33.64 1.29 2.94
CA PHE F 26 34.30 0.53 4.00
C PHE F 26 33.35 -0.34 4.80
N ILE F 27 32.05 -0.14 4.65
CA ILE F 27 31.08 -0.91 5.44
C ILE F 27 30.94 -2.33 4.90
N THR F 28 31.22 -2.53 3.61
CA THR F 28 31.13 -3.88 3.03
C THR F 28 32.06 -4.85 3.76
N SER F 29 33.28 -4.41 4.07
CA SER F 29 34.23 -5.26 4.78
C SER F 29 33.87 -5.44 6.26
N LEU F 30 32.85 -4.73 6.75
CA LEU F 30 32.38 -4.93 8.13
C LEU F 30 31.31 -6.00 8.22
N PHE F 31 30.39 -6.05 7.25
CA PHE F 31 29.36 -7.08 7.26
C PHE F 31 29.91 -8.45 6.89
N TYR F 32 31.02 -8.51 6.15
CA TYR F 32 31.69 -9.75 5.82
C TYR F 32 33.07 -9.42 5.26
N ALA F 33 33.99 -10.37 5.41
CA ALA F 33 35.38 -10.14 5.02
C ALA F 33 35.49 -10.04 3.49
N LYS F 34 36.15 -8.98 3.03
CA LYS F 34 36.37 -8.78 1.60
C LYS F 34 37.84 -8.54 1.30
N CYS F 41 47.44 -1.67 -1.51
CA CYS F 41 47.99 -0.87 -0.43
C CYS F 41 49.20 -0.08 -0.90
N PRO F 42 49.26 1.21 -0.52
CA PRO F 42 50.40 2.07 -0.86
C PRO F 42 51.67 1.66 -0.13
N PRO F 58 49.44 9.73 18.06
CA PRO F 58 49.99 9.03 19.22
C PRO F 58 49.54 9.64 20.55
N ARG F 59 48.24 9.96 20.65
CA ARG F 59 47.68 10.55 21.86
C ARG F 59 47.17 9.46 22.80
N PRO F 60 47.20 9.69 24.10
CA PRO F 60 46.72 8.68 25.04
C PRO F 60 45.22 8.51 24.98
N CYS F 61 44.77 7.29 25.28
CA CYS F 61 43.35 6.95 25.21
C CYS F 61 42.63 7.52 26.42
N ASP F 62 41.48 8.16 26.17
CA ASP F 62 40.68 8.75 27.23
C ASP F 62 39.21 8.39 27.07
N VAL F 63 38.38 9.37 26.72
CA VAL F 63 36.95 9.16 26.50
C VAL F 63 36.61 9.72 25.13
N VAL F 64 36.03 8.88 24.28
CA VAL F 64 35.65 9.26 22.93
C VAL F 64 34.13 9.18 22.80
N SER F 65 33.57 10.10 22.00
CA SER F 65 32.14 10.14 21.78
C SER F 65 31.73 9.03 20.82
N ALA F 66 30.67 8.30 21.18
CA ALA F 66 30.21 7.20 20.35
C ALA F 66 29.57 7.67 19.05
N ARG F 67 29.10 8.92 18.99
CA ARG F 67 28.48 9.43 17.78
C ARG F 67 29.49 9.63 16.65
N THR F 68 30.79 9.64 16.97
CA THR F 68 31.84 9.73 15.98
C THR F 68 32.54 8.39 15.74
N VAL F 69 31.90 7.28 16.12
CA VAL F 69 32.46 5.95 16.01
C VAL F 69 31.53 5.10 15.17
N CYS F 70 32.10 4.35 14.24
CA CYS F 70 31.34 3.44 13.37
C CYS F 70 31.91 2.03 13.56
N GLY F 71 31.16 1.18 14.26
CA GLY F 71 31.58 -0.17 14.51
C GLY F 71 32.02 -0.40 15.94
N PRO F 72 32.42 -1.63 16.26
CA PRO F 72 32.87 -1.92 17.63
C PRO F 72 34.19 -1.25 17.94
N VAL F 73 34.44 -1.05 19.23
CA VAL F 73 35.67 -0.47 19.74
C VAL F 73 36.45 -1.58 20.43
N TYR F 74 37.67 -1.82 19.97
CA TYR F 74 38.54 -2.86 20.53
C TYR F 74 39.68 -2.20 21.28
N CYS F 75 39.68 -2.36 22.61
CA CYS F 75 40.80 -1.93 23.42
C CYS F 75 41.75 -3.09 23.64
N PHE F 76 43.05 -2.82 23.53
CA PHE F 76 44.07 -3.87 23.51
C PHE F 76 44.93 -3.77 24.77
N THR F 77 44.59 -4.60 25.75
CA THR F 77 45.45 -4.91 26.88
C THR F 77 46.48 -5.93 26.39
N PRO F 78 47.23 -6.61 27.26
CA PRO F 78 47.94 -7.81 26.80
C PRO F 78 47.07 -8.75 25.97
N SER F 79 45.77 -8.83 26.26
CA SER F 79 44.81 -9.54 25.45
C SER F 79 43.73 -8.59 24.94
N PRO F 80 43.23 -8.78 23.73
CA PRO F 80 42.22 -7.85 23.19
C PRO F 80 40.90 -7.96 23.93
N VAL F 81 40.27 -6.81 24.15
CA VAL F 81 39.01 -6.71 24.88
C VAL F 81 38.07 -5.80 24.10
N VAL F 82 36.82 -6.23 23.99
CA VAL F 82 35.78 -5.43 23.32
C VAL F 82 35.19 -4.45 24.32
N VAL F 83 34.94 -3.22 23.86
CA VAL F 83 34.41 -2.16 24.70
C VAL F 83 33.01 -1.81 24.21
N GLY F 84 32.06 -1.69 25.14
CA GLY F 84 30.70 -1.33 24.81
C GLY F 84 30.39 0.12 25.12
N THR F 85 29.22 0.56 24.64
CA THR F 85 28.79 1.93 24.83
C THR F 85 28.25 2.12 26.24
N THR F 86 28.74 3.16 26.92
CA THR F 86 28.31 3.51 28.27
C THR F 86 28.06 5.01 28.33
N ASP F 87 27.59 5.48 29.49
CA ASP F 87 27.37 6.89 29.71
C ASP F 87 28.60 7.48 30.41
N LYS F 88 28.47 8.67 30.99
CA LYS F 88 29.58 9.28 31.72
C LYS F 88 29.89 8.58 33.03
N LEU F 89 29.01 7.70 33.50
CA LEU F 89 29.20 7.01 34.77
C LEU F 89 29.50 5.52 34.61
N GLY F 90 29.59 5.03 33.38
CA GLY F 90 29.84 3.63 33.14
C GLY F 90 28.60 2.77 32.97
N ILE F 91 27.41 3.34 33.08
CA ILE F 91 26.16 2.61 32.88
C ILE F 91 26.06 2.22 31.41
N PRO F 92 25.99 0.91 31.10
CA PRO F 92 25.94 0.50 29.69
C PRO F 92 24.66 0.91 29.01
N THR F 93 24.75 1.86 28.08
CA THR F 93 23.60 2.28 27.30
C THR F 93 23.34 1.31 26.16
N TYR F 94 22.08 1.25 25.71
CA TYR F 94 21.67 0.31 24.67
C TYR F 94 20.95 1.04 23.54
N ASN F 95 21.36 2.27 23.24
CA ASN F 95 20.74 3.07 22.19
C ASN F 95 21.59 3.13 20.92
N TRP F 96 22.47 2.15 20.71
CA TRP F 96 23.33 2.05 19.53
C TRP F 96 24.21 3.29 19.34
N GLY F 97 24.48 4.02 20.42
CA GLY F 97 25.27 5.23 20.30
C GLY F 97 24.60 6.37 19.60
N GLU F 98 23.26 6.40 19.55
CA GLU F 98 22.55 7.46 18.86
C GLU F 98 22.46 8.72 19.73
N ASN F 99 22.16 8.56 21.02
CA ASN F 99 22.09 9.71 21.91
C ASN F 99 23.48 10.27 22.18
N GLU F 100 23.54 11.56 22.51
CA GLU F 100 24.81 12.20 22.78
C GLU F 100 25.44 11.74 24.09
N THR F 101 24.66 11.10 24.96
CA THR F 101 25.17 10.62 26.24
C THR F 101 25.96 9.32 26.12
N ASP F 102 26.16 8.81 24.92
CA ASP F 102 26.88 7.56 24.70
C ASP F 102 28.34 7.86 24.40
N VAL F 103 29.24 7.35 25.24
CA VAL F 103 30.68 7.51 25.07
C VAL F 103 31.35 6.20 25.43
N PHE F 104 32.64 6.10 25.08
CA PHE F 104 33.44 4.93 25.39
C PHE F 104 34.46 5.30 26.47
N MET F 105 34.56 4.44 27.49
CA MET F 105 35.49 4.65 28.60
C MET F 105 36.78 3.87 28.31
N LEU F 106 37.58 4.41 27.40
CA LEU F 106 38.84 3.76 27.04
C LEU F 106 39.83 3.79 28.20
N GLU F 107 39.76 4.82 29.05
CA GLU F 107 40.67 4.92 30.19
C GLU F 107 40.36 3.88 31.26
N SER F 108 39.14 3.33 31.27
CA SER F 108 38.79 2.36 32.30
C SER F 108 39.46 1.01 32.06
N LEU F 109 39.82 0.70 30.81
CA LEU F 109 40.48 -0.56 30.47
C LEU F 109 42.00 -0.44 30.51
N ARG F 110 42.53 0.49 31.30
CA ARG F 110 43.98 0.68 31.38
C ARG F 110 44.61 -0.34 32.31
N GLY F 118 46.46 0.57 24.40
CA GLY F 118 45.98 1.26 23.21
C GLY F 118 44.71 0.65 22.64
N CYS F 119 43.87 1.49 22.04
CA CYS F 119 42.61 1.07 21.45
C CYS F 119 42.47 1.67 20.06
N THR F 120 41.66 1.02 19.23
CA THR F 120 41.41 1.47 17.87
C THR F 120 39.92 1.36 17.58
N TRP F 121 39.48 2.15 16.60
CA TRP F 121 38.09 2.16 16.16
C TRP F 121 38.01 2.94 14.86
N MET F 122 36.87 2.80 14.17
CA MET F 122 36.62 3.48 12.91
C MET F 122 35.65 4.62 13.14
N ASN F 123 35.98 5.79 12.57
CA ASN F 123 35.10 6.94 12.72
C ASN F 123 33.95 6.87 11.72
N SER F 124 33.12 7.90 11.71
CA SER F 124 31.92 7.89 10.86
C SER F 124 32.29 7.90 9.38
N THR F 125 33.29 8.69 9.00
CA THR F 125 33.68 8.82 7.60
C THR F 125 34.57 7.69 7.12
N GLY F 126 35.00 6.79 8.00
CA GLY F 126 35.81 5.67 7.59
C GLY F 126 37.30 5.89 7.71
N PHE F 127 37.77 6.21 8.92
CA PHE F 127 39.19 6.36 9.21
C PHE F 127 39.54 5.55 10.44
N THR F 128 40.68 4.88 10.40
CA THR F 128 41.15 4.07 11.51
C THR F 128 41.77 4.99 12.55
N LYS F 129 41.01 5.30 13.60
CA LYS F 129 41.48 6.14 14.69
C LYS F 129 42.23 5.29 15.71
N THR F 130 43.40 5.77 16.14
CA THR F 130 44.22 5.08 17.11
C THR F 130 44.50 6.01 18.30
N CYS F 131 44.88 5.40 19.42
CA CYS F 131 45.23 6.15 20.61
C CYS F 131 46.30 5.42 21.42
N GLY F 142 53.70 0.72 20.30
CA GLY F 142 52.95 1.47 19.31
C GLY F 142 51.73 2.18 19.89
N SER F 143 50.81 2.57 19.02
CA SER F 143 49.61 3.28 19.45
C SER F 143 48.49 2.31 19.82
N GLY F 144 47.83 1.74 18.83
CA GLY F 144 46.73 0.84 19.06
C GLY F 144 47.18 -0.56 19.43
N PRO F 145 46.94 -1.52 18.55
CA PRO F 145 47.34 -2.92 18.82
C PRO F 145 48.76 -3.26 18.40
N TRP F 146 49.59 -2.27 18.09
CA TRP F 146 50.98 -2.52 17.69
C TRP F 146 51.84 -2.63 18.94
N ILE F 147 51.87 -3.85 19.51
CA ILE F 147 52.79 -4.11 20.61
C ILE F 147 54.23 -3.94 20.15
N THR F 148 54.54 -4.50 18.99
CA THR F 148 55.80 -4.34 18.29
C THR F 148 55.59 -3.52 17.03
N PRO F 149 56.49 -2.59 16.71
CA PRO F 149 56.37 -1.85 15.44
C PRO F 149 56.32 -2.75 14.21
N ARG F 150 56.66 -4.03 14.35
CA ARG F 150 56.57 -4.98 13.26
C ARG F 150 55.44 -5.98 13.43
N CYS F 151 54.85 -6.08 14.62
CA CYS F 151 53.77 -7.01 14.92
C CYS F 151 52.47 -6.25 15.18
N LEU F 152 51.42 -6.99 15.52
CA LEU F 152 50.11 -6.40 15.73
C LEU F 152 49.23 -7.42 16.46
N VAL F 153 48.47 -6.93 17.44
CA VAL F 153 47.58 -7.80 18.21
C VAL F 153 46.40 -8.19 17.34
N ASP F 154 46.27 -9.49 17.07
CA ASP F 154 45.18 -9.98 16.24
C ASP F 154 43.86 -9.93 16.98
N TYR F 155 42.79 -9.70 16.24
CA TYR F 155 41.43 -9.60 16.77
C TYR F 155 40.45 -9.70 15.61
N PRO F 156 39.19 -10.05 15.88
CA PRO F 156 38.25 -10.34 14.79
C PRO F 156 38.07 -9.22 13.76
N TYR F 157 38.60 -8.03 13.99
CA TYR F 157 38.50 -6.93 13.04
C TYR F 157 39.86 -6.34 12.73
N ARG F 158 40.88 -7.20 12.64
CA ARG F 158 42.21 -6.71 12.29
C ARG F 158 42.28 -6.27 10.84
N LEU F 159 41.67 -7.05 9.93
CA LEU F 159 41.71 -6.71 8.51
C LEU F 159 40.83 -5.52 8.16
N TRP F 160 39.80 -5.24 8.96
CA TRP F 160 38.91 -4.12 8.67
C TRP F 160 39.54 -2.79 9.08
N HIS F 161 40.11 -2.73 10.28
CA HIS F 161 40.79 -1.51 10.71
C HIS F 161 42.13 -1.35 10.02
N TYR F 162 42.80 -2.46 9.70
CA TYR F 162 44.12 -2.44 9.06
C TYR F 162 44.08 -3.34 7.83
N PRO F 163 43.69 -2.80 6.67
CA PRO F 163 43.62 -3.64 5.47
C PRO F 163 44.99 -4.05 4.95
N CYS F 164 46.04 -3.28 5.22
CA CYS F 164 47.38 -3.58 4.75
C CYS F 164 48.09 -4.64 5.58
N THR F 165 47.36 -5.39 6.41
CA THR F 165 47.95 -6.39 7.28
C THR F 165 47.40 -7.79 7.00
N VAL F 166 46.93 -8.01 5.76
CA VAL F 166 46.37 -9.31 5.42
C VAL F 166 47.47 -10.36 5.28
N ASN F 167 48.55 -10.01 4.60
CA ASN F 167 49.66 -10.94 4.38
C ASN F 167 50.53 -11.15 5.61
N PHE F 168 50.14 -10.67 6.80
CA PHE F 168 50.94 -10.85 7.99
C PHE F 168 50.81 -12.27 8.53
N THR F 169 51.86 -12.74 9.20
CA THR F 169 51.91 -14.07 9.75
C THR F 169 51.45 -14.07 11.20
N LEU F 170 50.71 -15.10 11.58
CA LEU F 170 50.18 -15.23 12.94
C LEU F 170 51.07 -16.13 13.78
N HIS F 171 51.18 -15.80 15.06
CA HIS F 171 51.97 -16.57 16.01
C HIS F 171 51.21 -16.70 17.31
N LYS F 172 51.54 -17.75 18.07
CA LYS F 172 50.94 -17.99 19.37
C LYS F 172 51.80 -17.37 20.45
N VAL F 173 51.17 -16.57 21.32
CA VAL F 173 51.88 -15.82 22.35
C VAL F 173 51.37 -16.26 23.72
N ARG F 174 52.29 -16.50 24.65
CA ARG F 174 51.95 -16.82 26.04
C ARG F 174 52.91 -16.07 26.94
N MET F 175 52.37 -15.27 27.86
CA MET F 175 53.20 -14.50 28.77
C MET F 175 52.36 -14.05 29.96
N PHE F 176 53.02 -13.92 31.11
CA PHE F 176 52.39 -13.42 32.34
C PHE F 176 52.65 -11.92 32.43
N VAL F 177 51.68 -11.13 32.00
CA VAL F 177 51.78 -9.67 32.08
C VAL F 177 51.13 -9.23 33.38
N GLY F 178 51.96 -8.81 34.34
CA GLY F 178 51.45 -8.43 35.64
C GLY F 178 50.90 -9.58 36.46
N GLY F 179 51.28 -10.81 36.13
CA GLY F 179 50.81 -11.99 36.82
C GLY F 179 49.72 -12.75 36.10
N ILE F 180 48.95 -12.09 35.23
CA ILE F 180 47.85 -12.71 34.51
C ILE F 180 48.39 -13.29 33.21
N GLU F 181 48.02 -14.54 32.93
CA GLU F 181 48.43 -15.20 31.69
C GLU F 181 47.48 -14.80 30.57
N HIS F 182 48.01 -14.22 29.51
CA HIS F 182 47.23 -13.77 28.37
C HIS F 182 47.59 -14.60 27.14
N ARG F 183 46.61 -15.33 26.62
CA ARG F 183 46.77 -16.11 25.40
C ARG F 183 46.13 -15.36 24.24
N PHE F 184 46.94 -15.00 23.25
CA PHE F 184 46.46 -14.24 22.10
C PHE F 184 47.42 -14.51 20.94
N ASP F 185 47.14 -13.85 19.81
CA ASP F 185 47.94 -14.03 18.60
C ASP F 185 48.43 -12.68 18.09
N ALA F 186 49.63 -12.70 17.51
CA ALA F 186 50.25 -11.51 16.96
C ALA F 186 50.42 -11.65 15.46
N ALA F 187 50.30 -10.53 14.77
CA ALA F 187 50.42 -10.47 13.30
C ALA F 187 51.69 -9.71 12.97
N CYS F 188 52.80 -10.45 12.82
CA CYS F 188 54.09 -9.87 12.52
C CYS F 188 54.37 -9.97 11.02
N ASN F 189 55.56 -9.52 10.62
CA ASN F 189 55.97 -9.58 9.23
C ASN F 189 56.73 -10.87 8.93
#